data_4EUT
#
_entry.id   4EUT
#
_cell.length_a   89.915
_cell.length_b   60.214
_cell.length_c   116.716
_cell.angle_alpha   90.00
_cell.angle_beta   94.05
_cell.angle_gamma   90.00
#
_symmetry.space_group_name_H-M   'P 1 21 1'
#
loop_
_entity.id
_entity.type
_entity.pdbx_description
1 polymer 'Serine/threonine-protein kinase TBK1'
2 non-polymer N-(3-{[5-iodo-4-({3-[(thiophen-2-ylcarbonyl)amino]propyl}amino)pyrimidin-2-yl]amino}phenyl)pyrrolidine-1-carboxamide
3 non-polymer 'IODIDE ION'
4 non-polymer 'SULFATE ION'
5 water water
#
_entity_poly.entity_id   1
_entity_poly.type   'polypeptide(L)'
_entity_poly.pdbx_seq_one_letter_code
;MGSQSTSNHLWLLSDILGQGATANVFRGRHKKTGDLFAIKVFNNISFLRPVDVQMREFEVLKKLNHKNIVKLFAIEEETT
TRHKVLIMEFCPCGSLYTVLEEPSNAYGLPESEFLIVLRDVVGGMNHLRENGIVHRNIKPGNIMRVIGEDGQSVYKLTDF
GAARELEDDEQFVSLYGTEEYLHPDMYERAVLRKDHQKKYGATVDLWSIGVTFYHAATGSLPFRPFEGPRRNKEVMYKII
TGKPSGAISGVQKAENGPIDWSGDMPVSCSLSRGLQVLLTPVLANILEADQEKCWGFDQFFAETSDILHRMVIHVFSLQQ
MTAHKIYIHSYNTATIFHELVYKQTKIISSNQELIYEGRRLVLEPGRLAQHFPKTTEENPIFVVSREGNSHHHHHH
;
_entity_poly.pdbx_strand_id   A,B
#
# COMPACT_ATOMS: atom_id res chain seq x y z
N GLY A 2 -32.59 -11.82 22.64
CA GLY A 2 -32.40 -10.66 21.70
C GLY A 2 -32.23 -11.11 20.26
N SER A 3 -32.77 -10.33 19.32
CA SER A 3 -32.66 -10.64 17.89
C SER A 3 -32.70 -9.42 16.97
N GLN A 4 -32.36 -9.61 15.69
CA GLN A 4 -32.43 -8.56 14.69
C GLN A 4 -33.03 -9.13 13.40
N SER A 5 -33.28 -8.25 12.45
CA SER A 5 -34.08 -8.59 11.29
C SER A 5 -33.76 -7.74 10.08
N THR A 6 -34.30 -8.13 8.94
CA THR A 6 -34.33 -7.27 7.77
C THR A 6 -35.65 -7.52 7.08
N SER A 7 -35.84 -7.02 5.87
CA SER A 7 -37.10 -7.29 5.18
C SER A 7 -37.31 -8.78 5.08
N ASN A 8 -36.23 -9.49 4.77
CA ASN A 8 -36.30 -10.88 4.38
C ASN A 8 -35.81 -11.89 5.36
N HIS A 9 -34.84 -11.54 6.20
CA HIS A 9 -34.27 -12.52 7.11
C HIS A 9 -34.42 -12.14 8.57
N LEU A 10 -34.17 -13.10 9.45
CA LEU A 10 -34.28 -12.91 10.89
C LEU A 10 -33.27 -13.80 11.61
N TRP A 11 -32.56 -13.23 12.59
CA TRP A 11 -31.57 -14.01 13.32
C TRP A 11 -31.59 -13.69 14.80
N LEU A 12 -31.30 -14.69 15.63
CA LEU A 12 -31.25 -14.51 17.07
C LEU A 12 -29.83 -14.19 17.46
N LEU A 13 -29.64 -13.13 18.22
CA LEU A 13 -28.27 -12.72 18.53
C LEU A 13 -27.47 -13.83 19.14
N SER A 14 -28.13 -14.75 19.83
CA SER A 14 -27.43 -15.86 20.44
C SER A 14 -26.80 -16.82 19.44
N ASP A 15 -27.34 -16.91 18.23
CA ASP A 15 -26.83 -17.85 17.23
C ASP A 15 -25.60 -17.36 16.47
N ILE A 16 -24.56 -16.99 17.19
CA ILE A 16 -23.35 -16.47 16.57
C ILE A 16 -22.57 -17.56 15.90
N LEU A 17 -22.16 -17.33 14.66
CA LEU A 17 -21.29 -18.27 13.95
C LEU A 17 -19.85 -17.79 13.93
N GLY A 18 -19.68 -16.48 14.00
CA GLY A 18 -18.36 -15.88 13.91
C GLY A 18 -18.33 -14.56 14.63
N GLN A 19 -17.15 -14.17 15.10
CA GLN A 19 -17.03 -13.01 15.96
C GLN A 19 -15.70 -12.33 15.73
N GLY A 20 -15.72 -11.06 15.36
CA GLY A 20 -14.51 -10.33 15.05
C GLY A 20 -14.56 -8.87 15.44
N ALA A 21 -13.51 -8.15 15.05
CA ALA A 21 -13.33 -6.75 15.43
C ALA A 21 -14.47 -5.85 14.92
N THR A 22 -14.78 -5.96 13.63
CA THR A 22 -15.69 -5.05 12.97
C THR A 22 -17.12 -5.58 12.76
N ALA A 23 -17.33 -6.87 13.01
CA ALA A 23 -18.60 -7.50 12.65
C ALA A 23 -18.83 -8.82 13.33
N ASN A 24 -20.08 -9.21 13.47
CA ASN A 24 -20.41 -10.57 13.84
C ASN A 24 -21.13 -11.22 12.69
N VAL A 25 -21.11 -12.55 12.67
CA VAL A 25 -21.86 -13.30 11.68
C VAL A 25 -22.83 -14.18 12.44
N PHE A 26 -24.09 -14.14 12.04
CA PHE A 26 -25.13 -14.91 12.73
C PHE A 26 -25.80 -15.89 11.81
N ARG A 27 -26.36 -16.93 12.40
CA ARG A 27 -27.20 -17.87 11.66
C ARG A 27 -28.65 -17.38 11.65
N GLY A 28 -29.17 -17.09 10.47
CA GLY A 28 -30.55 -16.63 10.37
C GLY A 28 -31.39 -17.50 9.48
N ARG A 29 -32.68 -17.20 9.41
CA ARG A 29 -33.61 -17.92 8.54
C ARG A 29 -34.31 -16.89 7.65
N HIS A 30 -34.70 -17.29 6.45
CA HIS A 30 -35.45 -16.40 5.55
C HIS A 30 -36.91 -16.43 5.97
N LYS A 31 -37.54 -15.26 6.05
CA LYS A 31 -38.83 -15.09 6.69
C LYS A 31 -39.95 -15.93 6.08
N LYS A 32 -39.83 -16.23 4.79
CA LYS A 32 -40.85 -16.99 4.08
C LYS A 32 -40.48 -18.46 3.91
N THR A 33 -39.32 -18.73 3.32
CA THR A 33 -38.93 -20.09 3.02
C THR A 33 -38.41 -20.79 4.26
N GLY A 34 -37.87 -20.02 5.21
CA GLY A 34 -37.28 -20.62 6.40
C GLY A 34 -35.89 -21.20 6.14
N ASP A 35 -35.40 -21.01 4.92
CA ASP A 35 -34.06 -21.43 4.56
C ASP A 35 -32.99 -20.69 5.37
N LEU A 36 -31.99 -21.43 5.80
CA LEU A 36 -30.90 -20.91 6.61
C LEU A 36 -29.88 -20.14 5.77
N PHE A 37 -29.34 -19.08 6.37
CA PHE A 37 -28.31 -18.27 5.74
C PHE A 37 -27.41 -17.69 6.83
N ALA A 38 -26.24 -17.22 6.41
CA ALA A 38 -25.34 -16.54 7.31
C ALA A 38 -25.45 -15.05 7.04
N ILE A 39 -25.43 -14.26 8.10
CA ILE A 39 -25.65 -12.83 8.00
C ILE A 39 -24.56 -12.10 8.76
N LYS A 40 -23.84 -11.23 8.05
CA LYS A 40 -22.78 -10.47 8.66
C LYS A 40 -23.25 -9.05 9.05
N VAL A 41 -23.05 -8.70 10.30
CA VAL A 41 -23.56 -7.47 10.85
C VAL A 41 -22.42 -6.65 11.45
N PHE A 42 -22.24 -5.44 10.96
CA PHE A 42 -21.10 -4.65 11.40
C PHE A 42 -21.37 -3.89 12.68
N ASN A 43 -20.34 -3.80 13.54
CA ASN A 43 -20.44 -2.99 14.74
C ASN A 43 -20.20 -1.49 14.49
N ASN A 44 -20.61 -0.65 15.43
CA ASN A 44 -20.48 0.81 15.31
C ASN A 44 -19.04 1.27 15.15
N ILE A 45 -18.12 0.64 15.86
CA ILE A 45 -16.72 1.04 15.80
C ILE A 45 -16.27 0.98 14.36
N SER A 46 -16.80 0.02 13.62
CA SER A 46 -16.37 -0.23 12.26
C SER A 46 -16.66 0.97 11.37
N PHE A 47 -17.61 1.79 11.77
CA PHE A 47 -18.00 2.93 10.93
C PHE A 47 -17.07 4.11 11.16
N LEU A 48 -16.10 3.96 12.05
CA LEU A 48 -15.12 5.00 12.25
C LEU A 48 -14.03 4.95 11.16
N ARG A 49 -13.97 3.84 10.43
CA ARG A 49 -13.03 3.69 9.33
C ARG A 49 -13.39 4.59 8.15
N PRO A 50 -12.39 4.96 7.32
CA PRO A 50 -12.72 5.68 6.09
C PRO A 50 -13.80 4.95 5.28
N VAL A 51 -14.75 5.70 4.76
CA VAL A 51 -15.89 5.10 4.06
C VAL A 51 -15.44 4.17 2.94
N ASP A 52 -14.36 4.56 2.24
CA ASP A 52 -13.88 3.75 1.12
C ASP A 52 -13.38 2.41 1.63
N VAL A 53 -12.79 2.38 2.81
CA VAL A 53 -12.33 1.11 3.35
C VAL A 53 -13.52 0.26 3.68
N GLN A 54 -14.50 0.85 4.38
CA GLN A 54 -15.73 0.13 4.69
C GLN A 54 -16.34 -0.50 3.44
N MET A 55 -16.29 0.22 2.33
CA MET A 55 -16.87 -0.24 1.08
C MET A 55 -16.31 -1.59 0.64
N ARG A 56 -15.02 -1.81 0.80
CA ARG A 56 -14.34 -2.89 0.12
C ARG A 56 -14.96 -4.26 0.20
N GLU A 57 -15.29 -4.71 1.40
CA GLU A 57 -15.75 -6.06 1.57
C GLU A 57 -16.94 -6.25 0.69
N PHE A 58 -17.83 -5.27 0.70
CA PHE A 58 -19.02 -5.26 -0.14
C PHE A 58 -18.68 -5.32 -1.61
N GLU A 59 -17.74 -4.50 -2.03
CA GLU A 59 -17.38 -4.40 -3.44
C GLU A 59 -16.63 -5.66 -3.89
N VAL A 60 -15.90 -6.26 -2.96
CA VAL A 60 -15.29 -7.53 -3.25
C VAL A 60 -16.38 -8.56 -3.50
N LEU A 61 -17.24 -8.75 -2.50
CA LEU A 61 -18.26 -9.79 -2.57
C LEU A 61 -19.22 -9.60 -3.72
N LYS A 62 -19.23 -8.41 -4.30
CA LYS A 62 -20.08 -8.13 -5.45
C LYS A 62 -19.46 -8.71 -6.71
N LYS A 63 -18.13 -8.74 -6.73
CA LYS A 63 -17.38 -9.23 -7.87
C LYS A 63 -17.26 -10.75 -7.94
N LEU A 64 -17.35 -11.45 -6.81
CA LEU A 64 -17.00 -12.86 -6.78
C LEU A 64 -18.10 -13.84 -7.12
N ASN A 65 -17.81 -14.75 -8.03
CA ASN A 65 -18.70 -15.88 -8.31
C ASN A 65 -17.92 -17.15 -8.64
N HIS A 66 -17.85 -18.08 -7.68
CA HIS A 66 -17.10 -19.32 -7.86
C HIS A 66 -17.57 -20.36 -6.87
N LYS A 67 -17.40 -21.64 -7.19
CA LYS A 67 -17.77 -22.73 -6.27
C LYS A 67 -16.86 -22.82 -5.04
N ASN A 68 -15.67 -22.25 -5.12
CA ASN A 68 -14.77 -22.29 -3.97
C ASN A 68 -14.79 -21.01 -3.12
N ILE A 69 -15.76 -20.13 -3.38
CA ILE A 69 -15.93 -18.90 -2.63
C ILE A 69 -17.34 -18.84 -2.05
N VAL A 70 -17.45 -18.70 -0.73
CA VAL A 70 -18.76 -18.59 -0.07
C VAL A 70 -19.61 -17.54 -0.77
N LYS A 71 -20.80 -17.94 -1.17
CA LYS A 71 -21.63 -17.11 -2.04
C LYS A 71 -22.31 -15.96 -1.32
N LEU A 72 -22.41 -14.83 -2.00
CA LEU A 72 -23.19 -13.68 -1.52
C LEU A 72 -24.61 -13.73 -2.10
N PHE A 73 -25.62 -13.73 -1.23
CA PHE A 73 -27.01 -13.74 -1.72
C PHE A 73 -27.62 -12.34 -1.89
N ALA A 74 -27.53 -11.51 -0.86
CA ALA A 74 -28.12 -10.19 -0.93
C ALA A 74 -27.47 -9.23 0.05
N ILE A 75 -27.61 -7.94 -0.24
CA ILE A 75 -27.21 -6.88 0.67
C ILE A 75 -28.49 -6.19 1.09
N GLU A 76 -28.86 -6.36 2.35
CA GLU A 76 -30.13 -5.82 2.82
C GLU A 76 -29.90 -4.89 4.01
N GLU A 77 -30.94 -4.20 4.43
CA GLU A 77 -30.84 -3.29 5.56
C GLU A 77 -31.51 -3.87 6.79
N GLU A 78 -30.87 -3.69 7.94
CA GLU A 78 -31.42 -4.11 9.21
C GLU A 78 -32.56 -3.15 9.55
N THR A 79 -33.69 -3.70 9.99
CA THR A 79 -34.89 -2.89 10.11
C THR A 79 -34.76 -1.71 11.06
N THR A 80 -34.12 -1.93 12.22
CA THR A 80 -34.05 -0.85 13.22
C THR A 80 -32.95 0.19 12.93
N THR A 81 -31.83 -0.23 12.35
CA THR A 81 -30.70 0.71 12.14
C THR A 81 -30.54 1.17 10.70
N ARG A 82 -31.06 0.37 9.77
CA ARG A 82 -30.87 0.58 8.34
C ARG A 82 -29.40 0.44 7.91
N HIS A 83 -28.57 -0.14 8.77
CA HIS A 83 -27.18 -0.39 8.37
C HIS A 83 -27.22 -1.54 7.38
N LYS A 84 -26.26 -1.57 6.46
CA LYS A 84 -26.20 -2.66 5.51
C LYS A 84 -25.68 -3.94 6.14
N VAL A 85 -26.36 -5.04 5.87
CA VAL A 85 -25.89 -6.34 6.30
C VAL A 85 -25.67 -7.22 5.07
N LEU A 86 -24.89 -8.28 5.26
CA LEU A 86 -24.57 -9.24 4.22
C LEU A 86 -25.30 -10.56 4.45
N ILE A 87 -26.07 -10.96 3.44
CA ILE A 87 -26.73 -12.26 3.45
C ILE A 87 -25.87 -13.25 2.68
N MET A 88 -25.40 -14.29 3.36
CA MET A 88 -24.40 -15.20 2.80
C MET A 88 -24.86 -16.64 2.79
N GLU A 89 -24.26 -17.45 1.94
CA GLU A 89 -24.48 -18.88 1.96
C GLU A 89 -24.08 -19.41 3.33
N PHE A 90 -24.99 -20.15 3.96
CA PHE A 90 -24.71 -20.79 5.25
C PHE A 90 -24.09 -22.16 5.06
N CYS A 91 -23.07 -22.43 5.88
CA CYS A 91 -22.34 -23.70 5.83
C CYS A 91 -22.45 -24.47 7.15
N PRO A 92 -23.45 -25.34 7.26
CA PRO A 92 -23.73 -25.97 8.56
C PRO A 92 -22.52 -26.72 9.09
N CYS A 93 -21.78 -27.35 8.19
CA CYS A 93 -20.67 -28.18 8.60
C CYS A 93 -19.56 -27.40 9.30
N GLY A 94 -19.34 -26.15 8.88
CA GLY A 94 -18.29 -25.35 9.52
C GLY A 94 -17.07 -25.23 8.63
N SER A 95 -15.89 -25.22 9.24
CA SER A 95 -14.67 -24.87 8.49
C SER A 95 -13.60 -25.94 8.59
N LEU A 96 -12.57 -25.79 7.75
CA LEU A 96 -11.41 -26.66 7.78
C LEU A 96 -10.82 -26.72 9.17
N TYR A 97 -10.97 -25.62 9.91
CA TYR A 97 -10.51 -25.58 11.29
C TYR A 97 -11.16 -26.67 12.15
N THR A 98 -12.49 -26.78 12.08
CA THR A 98 -13.16 -27.79 12.88
C THR A 98 -12.85 -29.20 12.37
N VAL A 99 -12.71 -29.35 11.06
CA VAL A 99 -12.29 -30.65 10.51
C VAL A 99 -10.99 -31.08 11.19
N LEU A 100 -10.03 -30.17 11.25
CA LEU A 100 -8.74 -30.44 11.89
C LEU A 100 -8.83 -30.66 13.38
N GLU A 101 -9.98 -30.35 13.97
CA GLU A 101 -10.22 -30.64 15.39
C GLU A 101 -10.71 -32.09 15.58
N GLU A 102 -10.99 -32.77 14.46
CA GLU A 102 -11.32 -34.19 14.52
C GLU A 102 -10.10 -35.03 14.95
N PRO A 103 -10.27 -35.84 16.01
CA PRO A 103 -9.26 -36.74 16.53
C PRO A 103 -8.47 -37.46 15.44
N SER A 104 -9.16 -38.09 14.51
CA SER A 104 -8.52 -38.84 13.42
C SER A 104 -7.60 -37.99 12.55
N ASN A 105 -7.78 -36.67 12.59
CA ASN A 105 -6.94 -35.78 11.81
C ASN A 105 -5.77 -35.17 12.59
N ALA A 106 -5.57 -35.63 13.82
CA ALA A 106 -4.51 -35.12 14.71
C ALA A 106 -3.12 -35.13 14.10
N TYR A 107 -2.90 -35.86 13.02
CA TYR A 107 -1.59 -35.93 12.36
C TYR A 107 -1.73 -35.60 10.89
N GLY A 108 -2.73 -34.81 10.56
CA GLY A 108 -3.00 -34.43 9.19
C GLY A 108 -4.27 -35.06 8.65
N LEU A 109 -4.73 -34.54 7.53
CA LEU A 109 -5.86 -35.09 6.83
C LEU A 109 -5.43 -36.31 6.04
N PRO A 110 -6.39 -37.10 5.59
CA PRO A 110 -6.18 -38.21 4.69
C PRO A 110 -5.83 -37.70 3.30
N GLU A 111 -5.03 -38.43 2.55
CA GLU A 111 -4.64 -37.95 1.23
C GLU A 111 -5.86 -37.47 0.48
N SER A 112 -6.97 -38.18 0.59
CA SER A 112 -8.13 -37.79 -0.19
C SER A 112 -8.67 -36.42 0.18
N GLU A 113 -8.82 -36.11 1.46
CA GLU A 113 -9.28 -34.77 1.81
C GLU A 113 -8.24 -33.75 1.44
N PHE A 114 -6.99 -34.01 1.83
CA PHE A 114 -5.94 -33.06 1.55
C PHE A 114 -5.99 -32.61 0.10
N LEU A 115 -6.04 -33.58 -0.82
CA LEU A 115 -6.06 -33.27 -2.24
C LEU A 115 -7.27 -32.42 -2.62
N ILE A 116 -8.39 -32.68 -1.97
CA ILE A 116 -9.59 -31.88 -2.16
C ILE A 116 -9.36 -30.46 -1.65
N VAL A 117 -8.84 -30.34 -0.44
CA VAL A 117 -8.48 -29.05 0.14
C VAL A 117 -7.50 -28.29 -0.76
N LEU A 118 -6.46 -28.99 -1.22
CA LEU A 118 -5.54 -28.40 -2.18
C LEU A 118 -6.29 -27.83 -3.40
N ARG A 119 -7.09 -28.67 -4.04
CA ARG A 119 -7.77 -28.28 -5.25
C ARG A 119 -8.66 -27.05 -5.09
N ASP A 120 -9.55 -27.10 -4.08
CA ASP A 120 -10.51 -26.02 -3.86
C ASP A 120 -9.85 -24.69 -3.52
N VAL A 121 -8.90 -24.71 -2.60
CA VAL A 121 -8.19 -23.52 -2.21
C VAL A 121 -7.48 -22.90 -3.41
N VAL A 122 -6.85 -23.73 -4.22
CA VAL A 122 -6.20 -23.24 -5.42
C VAL A 122 -7.25 -22.66 -6.37
N GLY A 123 -8.38 -23.33 -6.50
CA GLY A 123 -9.42 -22.83 -7.36
C GLY A 123 -9.92 -21.47 -6.95
N GLY A 124 -10.19 -21.32 -5.66
CA GLY A 124 -10.64 -20.07 -5.11
C GLY A 124 -9.57 -19.01 -5.19
N MET A 125 -8.33 -19.36 -4.87
CA MET A 125 -7.26 -18.40 -4.92
C MET A 125 -7.03 -17.92 -6.34
N ASN A 126 -7.26 -18.80 -7.31
CA ASN A 126 -7.18 -18.39 -8.70
C ASN A 126 -8.29 -17.42 -9.09
N HIS A 127 -9.48 -17.65 -8.56
CA HIS A 127 -10.59 -16.74 -8.81
C HIS A 127 -10.29 -15.35 -8.25
N LEU A 128 -9.82 -15.29 -7.02
CA LEU A 128 -9.40 -14.03 -6.42
C LEU A 128 -8.38 -13.32 -7.31
N ARG A 129 -7.37 -14.07 -7.73
CA ARG A 129 -6.29 -13.52 -8.53
C ARG A 129 -6.80 -13.01 -9.87
N GLU A 130 -7.75 -13.73 -10.46
CA GLU A 130 -8.39 -13.28 -11.71
C GLU A 130 -9.19 -12.00 -11.55
N ASN A 131 -9.63 -11.71 -10.32
CA ASN A 131 -10.39 -10.49 -10.03
C ASN A 131 -9.57 -9.45 -9.25
N GLY A 132 -8.25 -9.56 -9.32
CA GLY A 132 -7.37 -8.62 -8.65
C GLY A 132 -7.48 -8.55 -7.14
N ILE A 133 -8.12 -9.53 -6.52
CA ILE A 133 -8.37 -9.46 -5.07
C ILE A 133 -7.25 -10.07 -4.26
N VAL A 134 -7.04 -9.58 -3.05
CA VAL A 134 -6.17 -10.24 -2.10
C VAL A 134 -6.97 -10.44 -0.84
N HIS A 135 -7.00 -11.65 -0.31
CA HIS A 135 -7.80 -11.89 0.87
C HIS A 135 -7.14 -11.32 2.09
N ARG A 136 -5.90 -11.72 2.29
CA ARG A 136 -5.09 -11.17 3.36
C ARG A 136 -5.28 -11.82 4.71
N ASN A 137 -6.28 -12.65 4.89
CA ASN A 137 -6.47 -13.25 6.19
C ASN A 137 -6.93 -14.69 6.12
N ILE A 138 -6.38 -15.44 5.18
CA ILE A 138 -6.77 -16.80 4.97
C ILE A 138 -6.26 -17.67 6.08
N LYS A 139 -7.14 -18.54 6.57
CA LYS A 139 -6.81 -19.48 7.63
C LYS A 139 -7.89 -20.56 7.62
N PRO A 140 -7.60 -21.70 8.26
CA PRO A 140 -8.54 -22.82 8.33
C PRO A 140 -9.90 -22.39 8.84
N GLY A 141 -9.90 -21.45 9.76
CA GLY A 141 -11.13 -20.89 10.30
C GLY A 141 -11.99 -20.18 9.27
N ASN A 142 -11.36 -19.69 8.20
CA ASN A 142 -12.05 -18.99 7.11
C ASN A 142 -12.46 -19.91 6.00
N ILE A 143 -11.94 -21.11 5.99
CA ILE A 143 -12.16 -21.98 4.87
C ILE A 143 -13.32 -22.88 5.18
N MET A 144 -14.48 -22.58 4.60
CA MET A 144 -15.69 -23.28 4.96
C MET A 144 -15.85 -24.62 4.24
N ARG A 145 -16.44 -25.59 4.93
CA ARG A 145 -16.67 -26.91 4.37
C ARG A 145 -18.13 -27.13 4.05
N VAL A 146 -18.38 -27.60 2.83
CA VAL A 146 -19.74 -27.87 2.36
C VAL A 146 -19.84 -29.24 1.71
N ILE A 147 -20.85 -30.02 2.07
CA ILE A 147 -21.08 -31.33 1.45
C ILE A 147 -21.65 -31.19 0.03
N GLY A 148 -20.92 -31.71 -0.95
CA GLY A 148 -21.38 -31.64 -2.34
C GLY A 148 -22.46 -32.68 -2.62
N GLU A 149 -22.87 -32.77 -3.89
CA GLU A 149 -23.89 -33.72 -4.30
C GLU A 149 -23.44 -35.19 -4.21
N ASP A 150 -22.15 -35.46 -4.41
CA ASP A 150 -21.65 -36.84 -4.34
C ASP A 150 -21.30 -37.27 -2.91
N GLY A 151 -21.67 -36.45 -1.93
CA GLY A 151 -21.30 -36.69 -0.53
C GLY A 151 -19.86 -36.26 -0.22
N GLN A 152 -19.18 -35.76 -1.23
CA GLN A 152 -17.79 -35.33 -1.09
C GLN A 152 -17.69 -33.86 -0.68
N SER A 153 -16.65 -33.55 0.10
CA SER A 153 -16.37 -32.19 0.55
C SER A 153 -16.12 -31.21 -0.59
N VAL A 154 -16.64 -29.99 -0.42
CA VAL A 154 -16.21 -28.86 -1.23
C VAL A 154 -15.75 -27.81 -0.26
N TYR A 155 -14.58 -27.24 -0.49
CA TYR A 155 -14.11 -26.15 0.36
C TYR A 155 -14.31 -24.78 -0.28
N LYS A 156 -14.62 -23.78 0.54
CA LYS A 156 -14.94 -22.44 0.06
C LYS A 156 -14.34 -21.34 0.94
N LEU A 157 -13.74 -20.34 0.32
CA LEU A 157 -13.20 -19.19 1.04
C LEU A 157 -14.26 -18.24 1.54
N THR A 158 -13.99 -17.58 2.66
CA THR A 158 -14.89 -16.54 3.12
C THR A 158 -14.18 -15.60 4.08
N ASP A 159 -14.96 -14.75 4.75
CA ASP A 159 -14.45 -13.72 5.65
C ASP A 159 -13.56 -12.68 5.02
N PHE A 160 -14.05 -11.99 4.01
CA PHE A 160 -13.25 -10.98 3.35
C PHE A 160 -13.24 -9.64 4.06
N GLY A 161 -13.13 -9.64 5.37
CA GLY A 161 -13.06 -8.41 6.15
C GLY A 161 -11.85 -7.54 5.89
N ALA A 162 -10.73 -8.16 5.56
CA ALA A 162 -9.51 -7.43 5.29
C ALA A 162 -9.17 -7.43 3.82
N ALA A 163 -10.04 -7.96 2.98
CA ALA A 163 -9.71 -8.05 1.58
C ALA A 163 -9.82 -6.68 0.91
N ARG A 164 -9.14 -6.56 -0.23
CA ARG A 164 -9.28 -5.43 -1.10
C ARG A 164 -8.94 -5.86 -2.50
N GLU A 165 -9.43 -5.10 -3.48
CA GLU A 165 -9.14 -5.32 -4.88
C GLU A 165 -8.01 -4.38 -5.26
N LEU A 166 -6.94 -4.92 -5.82
CA LEU A 166 -5.77 -4.13 -6.14
C LEU A 166 -5.77 -3.67 -7.58
N GLU A 167 -5.40 -2.40 -7.78
CA GLU A 167 -5.26 -1.83 -9.11
C GLU A 167 -4.06 -2.41 -9.82
N ASP A 168 -4.24 -2.70 -11.11
CA ASP A 168 -3.12 -3.10 -11.95
C ASP A 168 -2.47 -1.83 -12.48
N ASP A 169 -1.27 -1.52 -11.99
CA ASP A 169 -0.57 -0.29 -12.37
C ASP A 169 -0.33 -0.21 -13.89
N GLU A 170 -0.17 -1.36 -14.53
CA GLU A 170 0.11 -1.46 -15.96
C GLU A 170 -1.02 -0.92 -16.84
N GLN A 171 -2.25 -0.99 -16.33
CA GLN A 171 -3.48 -0.69 -17.11
C GLN A 171 -3.60 0.76 -17.59
N PHE A 172 -3.00 1.68 -16.86
CA PHE A 172 -3.08 3.10 -17.19
C PHE A 172 -1.70 3.67 -17.54
N VAL A 173 -1.70 4.83 -18.21
CA VAL A 173 -0.47 5.51 -18.51
C VAL A 173 -0.39 6.81 -17.74
N SER A 174 0.73 7.03 -17.06
CA SER A 174 0.92 8.27 -16.33
C SER A 174 -0.26 8.58 -15.41
N LEU A 175 -0.52 7.68 -14.47
CA LEU A 175 -1.53 7.90 -13.46
C LEU A 175 -1.21 9.20 -12.71
N TYR A 176 0.07 9.40 -12.47
CA TYR A 176 0.56 10.64 -11.88
C TYR A 176 1.13 11.38 -13.08
N GLY A 177 0.76 12.63 -13.25
CA GLY A 177 1.16 13.34 -14.47
C GLY A 177 2.64 13.46 -14.75
N THR A 178 3.38 14.04 -13.82
CA THR A 178 4.81 14.24 -14.02
C THR A 178 5.52 13.89 -12.74
N GLU A 179 6.71 13.32 -12.89
CA GLU A 179 7.37 12.69 -11.77
C GLU A 179 8.34 13.54 -10.97
N GLU A 180 8.70 14.70 -11.48
CA GLU A 180 9.79 15.42 -10.83
C GLU A 180 9.60 15.65 -9.32
N TYR A 181 8.38 15.56 -8.81
CA TYR A 181 8.11 15.92 -7.41
C TYR A 181 7.66 14.76 -6.55
N LEU A 182 7.70 13.55 -7.11
CA LEU A 182 7.19 12.38 -6.44
C LEU A 182 8.18 11.80 -5.45
N HIS A 183 7.69 11.44 -4.27
CA HIS A 183 8.51 10.77 -3.29
C HIS A 183 8.94 9.48 -3.94
N PRO A 184 10.13 9.01 -3.57
CA PRO A 184 10.74 7.83 -4.16
C PRO A 184 9.82 6.61 -4.20
N ASP A 185 9.12 6.33 -3.11
CA ASP A 185 8.17 5.24 -3.13
C ASP A 185 7.15 5.50 -4.22
N MET A 186 6.61 6.70 -4.26
CA MET A 186 5.64 7.05 -5.27
C MET A 186 6.24 6.94 -6.66
N TYR A 187 7.49 7.35 -6.80
CA TYR A 187 8.17 7.32 -8.09
C TYR A 187 8.20 5.89 -8.60
N GLU A 188 8.47 4.97 -7.69
CA GLU A 188 8.55 3.57 -7.99
C GLU A 188 7.24 3.08 -8.59
N ARG A 189 6.16 3.34 -7.88
CA ARG A 189 4.84 2.99 -8.37
C ARG A 189 4.55 3.74 -9.64
N ALA A 190 5.02 4.97 -9.71
CA ALA A 190 4.80 5.79 -10.89
C ALA A 190 5.51 5.20 -12.09
N VAL A 191 6.67 4.58 -11.89
CA VAL A 191 7.30 3.92 -13.03
C VAL A 191 8.14 2.68 -12.70
N LEU A 192 7.49 1.52 -12.81
CA LEU A 192 8.10 0.22 -12.57
C LEU A 192 7.23 -0.86 -13.21
N ASP A 195 4.59 -3.97 -11.44
CA ASP A 195 3.69 -4.63 -10.51
C ASP A 195 4.33 -4.82 -9.15
N HIS A 196 4.58 -3.71 -8.44
CA HIS A 196 5.17 -3.75 -7.10
C HIS A 196 4.10 -4.10 -6.06
N GLN A 197 2.99 -3.36 -6.07
CA GLN A 197 1.89 -3.56 -5.13
C GLN A 197 1.15 -4.88 -5.35
N LYS A 198 0.88 -5.19 -6.62
CA LYS A 198 0.15 -6.40 -7.00
C LYS A 198 0.98 -7.67 -6.77
N LYS A 199 2.29 -7.53 -6.93
CA LYS A 199 3.22 -8.63 -6.66
C LYS A 199 3.40 -8.83 -5.15
N TYR A 200 3.40 -7.73 -4.40
CA TYR A 200 3.46 -7.82 -2.94
C TYR A 200 2.17 -8.41 -2.35
N GLY A 201 1.03 -7.73 -2.57
CA GLY A 201 -0.25 -8.20 -2.05
C GLY A 201 -0.46 -9.68 -2.33
N ALA A 202 -0.15 -10.08 -3.55
CA ALA A 202 -0.25 -11.48 -3.95
C ALA A 202 0.42 -12.46 -2.98
N THR A 203 1.64 -12.14 -2.52
CA THR A 203 2.40 -13.11 -1.75
C THR A 203 1.84 -13.38 -0.35
N VAL A 204 1.27 -12.36 0.30
CA VAL A 204 0.76 -12.55 1.65
C VAL A 204 -0.30 -13.66 1.70
N ASP A 205 -1.05 -13.83 0.61
CA ASP A 205 -2.00 -14.92 0.55
C ASP A 205 -1.29 -16.26 0.30
N LEU A 206 -0.23 -16.23 -0.47
CA LEU A 206 0.54 -17.42 -0.67
C LEU A 206 1.10 -17.93 0.66
N TRP A 207 1.61 -17.01 1.46
CA TRP A 207 2.14 -17.45 2.72
C TRP A 207 1.09 -18.13 3.55
N SER A 208 -0.04 -17.47 3.74
CA SER A 208 -1.10 -18.01 4.56
C SER A 208 -1.55 -19.37 4.09
N ILE A 209 -1.63 -19.53 2.79
CA ILE A 209 -1.99 -20.78 2.18
C ILE A 209 -0.95 -21.87 2.53
N GLY A 210 0.32 -21.47 2.57
CA GLY A 210 1.40 -22.37 2.96
C GLY A 210 1.20 -22.94 4.34
N VAL A 211 1.05 -22.06 5.32
CA VAL A 211 0.78 -22.49 6.69
C VAL A 211 -0.49 -23.37 6.77
N THR A 212 -1.53 -22.98 6.04
CA THR A 212 -2.76 -23.74 6.00
C THR A 212 -2.50 -25.17 5.48
N PHE A 213 -1.76 -25.32 4.39
CA PHE A 213 -1.54 -26.64 3.83
C PHE A 213 -0.66 -27.49 4.74
N TYR A 214 0.37 -26.88 5.31
CA TYR A 214 1.21 -27.57 6.27
C TYR A 214 0.35 -28.07 7.44
N HIS A 215 -0.60 -27.26 7.88
CA HIS A 215 -1.43 -27.64 9.00
C HIS A 215 -2.26 -28.85 8.59
N ALA A 216 -2.93 -28.73 7.45
CA ALA A 216 -3.76 -29.79 6.92
C ALA A 216 -3.01 -31.11 6.72
N ALA A 217 -1.73 -31.03 6.38
CA ALA A 217 -0.99 -32.22 6.04
C ALA A 217 -0.36 -32.88 7.26
N THR A 218 -0.25 -32.13 8.36
CA THR A 218 0.47 -32.61 9.53
C THR A 218 -0.34 -32.55 10.82
N GLY A 219 -1.42 -31.79 10.81
CA GLY A 219 -2.12 -31.48 12.05
C GLY A 219 -1.34 -30.51 12.93
N SER A 220 -0.23 -29.97 12.43
CA SER A 220 0.56 -29.03 13.21
C SER A 220 0.86 -27.71 12.51
N LEU A 221 0.92 -26.62 13.28
CA LEU A 221 1.44 -25.37 12.76
C LEU A 221 2.92 -25.52 12.51
N PRO A 222 3.42 -24.95 11.40
CA PRO A 222 4.84 -25.08 11.09
C PRO A 222 5.79 -24.31 12.01
N PHE A 223 5.40 -23.13 12.48
CA PHE A 223 6.30 -22.27 13.26
C PHE A 223 5.84 -22.15 14.70
N ARG A 224 6.59 -22.73 15.63
CA ARG A 224 6.07 -22.98 16.96
C ARG A 224 7.04 -22.50 18.04
N PRO A 225 6.74 -21.36 18.66
CA PRO A 225 7.47 -21.05 19.88
C PRO A 225 7.10 -22.03 20.99
N PHE A 226 8.02 -22.25 21.91
CA PHE A 226 7.80 -23.17 23.01
C PHE A 226 6.47 -22.96 23.75
N GLU A 227 6.04 -21.72 23.87
CA GLU A 227 4.81 -21.44 24.56
C GLU A 227 3.64 -21.43 23.59
N GLY A 228 3.95 -21.61 22.31
CA GLY A 228 2.94 -21.49 21.29
C GLY A 228 2.92 -20.08 20.75
N PRO A 229 2.31 -19.90 19.58
CA PRO A 229 2.32 -18.63 18.89
C PRO A 229 1.65 -17.51 19.66
N ARG A 230 0.51 -17.79 20.26
CA ARG A 230 -0.21 -16.75 20.98
C ARG A 230 0.60 -16.25 22.17
N ARG A 231 1.20 -17.17 22.89
CA ARG A 231 1.92 -16.85 24.10
C ARG A 231 3.20 -16.06 23.90
N ASN A 232 3.86 -16.21 22.76
CA ASN A 232 5.15 -15.57 22.57
C ASN A 232 5.39 -15.01 21.18
N LYS A 233 4.97 -13.77 21.01
CA LYS A 233 5.01 -13.09 19.72
C LYS A 233 6.38 -12.67 19.20
N GLU A 234 7.28 -12.34 20.11
CA GLU A 234 8.65 -11.99 19.71
C GLU A 234 9.31 -13.16 18.98
N VAL A 235 9.33 -14.31 19.62
CA VAL A 235 9.89 -15.50 19.01
C VAL A 235 9.17 -15.81 17.70
N MET A 236 7.84 -15.84 17.76
CA MET A 236 7.07 -16.16 16.56
C MET A 236 7.66 -15.38 15.39
N TYR A 237 7.69 -14.06 15.57
CA TYR A 237 8.22 -13.17 14.56
C TYR A 237 9.65 -13.52 14.17
N LYS A 238 10.53 -13.71 15.16
CA LYS A 238 11.91 -14.03 14.85
C LYS A 238 11.95 -15.26 13.94
N ILE A 239 11.14 -16.26 14.29
CA ILE A 239 11.10 -17.52 13.53
C ILE A 239 10.64 -17.29 12.10
N ILE A 240 9.50 -16.62 11.94
CA ILE A 240 8.99 -16.36 10.60
C ILE A 240 9.90 -15.40 9.83
N THR A 241 10.51 -14.46 10.54
CA THR A 241 11.41 -13.49 9.92
C THR A 241 12.82 -14.01 9.68
N GLY A 242 13.26 -14.95 10.51
CA GLY A 242 14.66 -15.34 10.50
C GLY A 242 14.91 -16.68 9.88
N LYS A 243 13.91 -17.18 9.16
CA LYS A 243 13.88 -18.58 8.67
C LYS A 243 14.79 -18.82 7.47
N PRO A 244 15.69 -19.79 7.58
CA PRO A 244 16.57 -20.08 6.45
C PRO A 244 15.77 -20.52 5.25
N SER A 245 16.15 -20.05 4.07
CA SER A 245 15.44 -20.43 2.86
C SER A 245 15.42 -21.94 2.70
N GLY A 246 14.30 -22.44 2.23
CA GLY A 246 14.12 -23.86 2.01
C GLY A 246 13.53 -24.51 3.23
N ALA A 247 13.62 -23.83 4.37
CA ALA A 247 13.02 -24.34 5.59
C ALA A 247 11.51 -24.16 5.56
N ILE A 248 10.76 -25.19 5.92
CA ILE A 248 9.31 -25.08 5.96
C ILE A 248 8.75 -25.14 7.38
N SER A 249 9.59 -25.41 8.36
CA SER A 249 9.12 -25.32 9.73
C SER A 249 10.23 -24.92 10.68
N GLY A 250 9.87 -24.34 11.81
CA GLY A 250 10.83 -24.02 12.84
C GLY A 250 10.15 -24.20 14.16
N VAL A 251 10.71 -25.02 15.04
CA VAL A 251 10.05 -25.33 16.30
C VAL A 251 10.96 -25.02 17.46
N GLN A 252 10.40 -24.47 18.53
CA GLN A 252 11.20 -24.21 19.72
C GLN A 252 10.93 -25.31 20.69
N LYS A 253 11.86 -26.24 20.79
CA LYS A 253 11.70 -27.43 21.59
C LYS A 253 11.59 -27.09 23.09
N ALA A 254 12.34 -26.08 23.52
CA ALA A 254 12.48 -25.79 24.95
C ALA A 254 12.37 -24.30 25.19
N GLU A 255 12.32 -23.89 26.47
CA GLU A 255 12.11 -22.47 26.79
C GLU A 255 13.37 -21.69 26.51
N ASN A 256 13.22 -20.61 25.74
CA ASN A 256 14.35 -19.81 25.30
C ASN A 256 15.41 -20.65 24.61
N GLY A 257 14.98 -21.78 24.07
CA GLY A 257 15.89 -22.67 23.36
C GLY A 257 16.04 -22.28 21.90
N PRO A 258 17.00 -22.91 21.21
CA PRO A 258 17.20 -22.67 19.78
C PRO A 258 16.09 -23.30 18.93
N ILE A 259 16.13 -23.04 17.62
CA ILE A 259 15.08 -23.46 16.71
C ILE A 259 15.50 -24.68 15.90
N ASP A 260 14.56 -25.59 15.70
CA ASP A 260 14.82 -26.80 14.92
C ASP A 260 14.21 -26.63 13.55
N TRP A 261 15.03 -26.34 12.54
CA TRP A 261 14.52 -26.10 11.20
C TRP A 261 14.47 -27.34 10.33
N SER A 262 13.42 -27.47 9.54
CA SER A 262 13.27 -28.62 8.66
C SER A 262 12.80 -28.21 7.28
N GLY A 263 13.39 -28.83 6.26
CA GLY A 263 13.02 -28.55 4.89
C GLY A 263 12.06 -29.61 4.39
N ASP A 264 11.69 -30.51 5.28
CA ASP A 264 10.90 -31.68 4.91
C ASP A 264 9.71 -31.84 5.85
N MET A 265 8.73 -32.64 5.44
CA MET A 265 7.55 -32.95 6.26
C MET A 265 7.98 -33.78 7.47
N PRO A 266 7.24 -33.68 8.58
CA PRO A 266 7.62 -34.52 9.70
C PRO A 266 7.26 -35.96 9.38
N VAL A 267 7.96 -36.91 9.99
CA VAL A 267 7.74 -38.33 9.70
C VAL A 267 6.35 -38.79 10.13
N SER A 268 5.76 -38.10 11.12
CA SER A 268 4.40 -38.47 11.55
C SER A 268 3.30 -38.03 10.57
N CYS A 269 3.69 -37.33 9.50
CA CYS A 269 2.77 -36.84 8.49
C CYS A 269 1.89 -37.94 7.90
N SER A 270 0.60 -37.64 7.70
CA SER A 270 -0.36 -38.64 7.24
C SER A 270 -0.40 -38.85 5.73
N LEU A 271 0.49 -38.18 5.00
CA LEU A 271 0.45 -38.26 3.55
C LEU A 271 1.50 -39.24 3.02
N SER A 272 1.19 -39.87 1.89
CA SER A 272 2.16 -40.72 1.23
C SER A 272 3.40 -39.90 0.92
N ARG A 273 4.54 -40.59 0.86
CA ARG A 273 5.81 -39.98 0.58
C ARG A 273 5.79 -39.47 -0.86
N GLY A 274 5.05 -40.19 -1.71
CA GLY A 274 4.83 -39.79 -3.09
C GLY A 274 4.32 -38.36 -3.12
N LEU A 275 3.36 -38.06 -2.26
CA LEU A 275 2.75 -36.74 -2.22
C LEU A 275 3.63 -35.71 -1.52
N GLN A 276 4.27 -36.12 -0.43
CA GLN A 276 5.15 -35.22 0.33
C GLN A 276 6.23 -34.62 -0.58
N VAL A 277 6.90 -35.47 -1.33
CA VAL A 277 8.00 -35.06 -2.20
C VAL A 277 7.57 -34.01 -3.19
N LEU A 278 6.28 -33.98 -3.50
CA LEU A 278 5.75 -33.01 -4.43
C LEU A 278 5.35 -31.74 -3.69
N LEU A 279 4.84 -31.90 -2.48
CA LEU A 279 4.26 -30.82 -1.71
C LEU A 279 5.30 -29.92 -1.07
N THR A 280 6.45 -30.48 -0.68
CA THR A 280 7.43 -29.72 0.12
C THR A 280 8.05 -28.57 -0.65
N PRO A 281 8.39 -28.77 -1.93
CA PRO A 281 8.96 -27.66 -2.70
C PRO A 281 7.94 -26.56 -2.94
N VAL A 282 6.67 -26.93 -2.98
CA VAL A 282 5.61 -25.94 -3.07
C VAL A 282 5.56 -25.17 -1.76
N LEU A 283 5.61 -25.90 -0.65
CA LEU A 283 5.56 -25.28 0.66
C LEU A 283 6.74 -24.37 0.84
N ALA A 284 7.89 -24.80 0.34
CA ALA A 284 9.14 -24.09 0.56
C ALA A 284 9.23 -22.78 -0.22
N ASN A 285 8.57 -22.70 -1.36
CA ASN A 285 8.68 -21.53 -2.21
C ASN A 285 7.60 -20.50 -1.99
N ILE A 286 6.63 -20.80 -1.13
CA ILE A 286 5.64 -19.81 -0.82
C ILE A 286 5.82 -19.38 0.60
N LEU A 287 6.65 -20.11 1.33
CA LEU A 287 6.92 -19.75 2.68
C LEU A 287 8.24 -19.01 2.77
N GLU A 288 8.47 -18.13 1.81
CA GLU A 288 9.66 -17.30 1.79
C GLU A 288 9.28 -15.84 1.96
N ALA A 289 9.76 -15.21 3.04
CA ALA A 289 9.46 -13.79 3.28
C ALA A 289 10.10 -12.86 2.26
N ASP A 290 11.17 -13.34 1.64
CA ASP A 290 11.96 -12.59 0.67
C ASP A 290 11.26 -12.43 -0.69
N GLN A 291 10.83 -11.20 -0.98
CA GLN A 291 10.09 -10.87 -2.22
C GLN A 291 10.77 -11.33 -3.51
N GLU A 292 12.10 -11.22 -3.56
CA GLU A 292 12.83 -11.57 -4.77
C GLU A 292 13.10 -13.08 -4.87
N LYS A 293 12.83 -13.80 -3.80
CA LYS A 293 13.12 -15.23 -3.75
C LYS A 293 11.87 -16.08 -3.85
N CYS A 294 10.79 -15.59 -3.23
CA CYS A 294 9.51 -16.29 -3.21
C CYS A 294 8.95 -16.52 -4.61
N TRP A 295 7.99 -17.42 -4.71
CA TRP A 295 7.30 -17.72 -5.97
C TRP A 295 6.30 -16.64 -6.35
N GLY A 296 6.07 -16.51 -7.64
CA GLY A 296 4.99 -15.69 -8.15
C GLY A 296 3.73 -16.51 -8.08
N PHE A 297 2.61 -15.89 -8.36
CA PHE A 297 1.34 -16.60 -8.41
C PHE A 297 1.31 -17.58 -9.53
N ASP A 298 1.88 -17.19 -10.66
CA ASP A 298 1.86 -18.07 -11.79
C ASP A 298 2.60 -19.36 -11.53
N GLN A 299 3.76 -19.28 -10.91
CA GLN A 299 4.49 -20.49 -10.57
C GLN A 299 3.67 -21.36 -9.64
N PHE A 300 3.09 -20.71 -8.65
CA PHE A 300 2.28 -21.40 -7.67
C PHE A 300 1.14 -22.16 -8.32
N PHE A 301 0.46 -21.54 -9.28
CA PHE A 301 -0.66 -22.22 -9.96
C PHE A 301 -0.16 -23.33 -10.87
N ALA A 302 0.89 -23.05 -11.63
CA ALA A 302 1.49 -24.06 -12.49
C ALA A 302 1.96 -25.25 -11.65
N GLU A 303 2.71 -24.98 -10.58
CA GLU A 303 3.24 -26.04 -9.74
C GLU A 303 2.17 -26.88 -9.03
N THR A 304 1.11 -26.24 -8.55
CA THR A 304 0.04 -26.96 -7.85
C THR A 304 -0.87 -27.75 -8.79
N SER A 305 -1.13 -27.20 -9.97
CA SER A 305 -1.93 -27.91 -10.94
C SER A 305 -1.12 -29.09 -11.46
N ASP A 306 0.21 -28.94 -11.47
CA ASP A 306 1.09 -30.05 -11.83
C ASP A 306 0.78 -31.23 -10.91
N ILE A 307 0.47 -30.92 -9.65
CA ILE A 307 0.17 -31.96 -8.67
C ILE A 307 -1.23 -32.49 -8.88
N LEU A 308 -2.16 -31.62 -9.23
CA LEU A 308 -3.55 -32.01 -9.32
C LEU A 308 -3.83 -32.82 -10.59
N HIS A 309 -3.06 -32.56 -11.64
CA HIS A 309 -3.24 -33.25 -12.92
C HIS A 309 -2.31 -34.46 -13.07
N ARG A 310 -1.89 -35.01 -11.94
CA ARG A 310 -1.17 -36.28 -11.96
C ARG A 310 -2.12 -37.41 -11.60
N MET A 311 -1.88 -38.56 -12.18
CA MET A 311 -2.64 -39.74 -11.82
C MET A 311 -1.83 -40.57 -10.83
N VAL A 312 -2.52 -41.38 -10.03
CA VAL A 312 -1.88 -42.22 -9.04
C VAL A 312 -1.75 -43.65 -9.54
N ILE A 313 -0.56 -44.22 -9.41
CA ILE A 313 -0.39 -45.63 -9.71
C ILE A 313 0.11 -46.35 -8.47
N HIS A 314 -0.71 -47.27 -7.97
CA HIS A 314 -0.44 -47.91 -6.68
C HIS A 314 0.55 -49.04 -6.83
N VAL A 315 1.66 -48.94 -6.14
CA VAL A 315 2.71 -49.93 -6.22
C VAL A 315 2.91 -50.53 -4.85
N PHE A 316 3.35 -51.78 -4.80
CA PHE A 316 3.70 -52.42 -3.54
C PHE A 316 5.07 -53.08 -3.69
N SER A 317 6.00 -52.75 -2.80
CA SER A 317 7.34 -53.33 -2.86
C SER A 317 7.45 -54.58 -1.99
N LEU A 318 7.74 -55.70 -2.62
CA LEU A 318 7.95 -56.97 -1.91
C LEU A 318 9.24 -56.93 -1.08
N GLN A 319 10.10 -55.96 -1.40
CA GLN A 319 11.36 -55.78 -0.66
C GLN A 319 11.13 -55.45 0.83
N GLN A 320 10.34 -54.42 1.11
CA GLN A 320 10.10 -53.97 2.49
C GLN A 320 8.67 -54.21 2.98
N MET A 321 7.83 -54.82 2.15
CA MET A 321 6.40 -54.99 2.43
C MET A 321 5.71 -53.65 2.69
N THR A 322 5.92 -52.67 1.81
CA THR A 322 5.30 -51.37 1.99
C THR A 322 4.57 -50.93 0.72
N ALA A 323 3.51 -50.13 0.90
CA ALA A 323 2.74 -49.57 -0.21
C ALA A 323 3.21 -48.17 -0.60
N HIS A 324 3.04 -47.83 -1.86
CA HIS A 324 3.56 -46.60 -2.39
C HIS A 324 2.59 -45.99 -3.38
N LYS A 325 2.33 -44.70 -3.23
CA LYS A 325 1.59 -43.98 -4.25
C LYS A 325 2.61 -43.35 -5.17
N ILE A 326 2.40 -43.53 -6.47
CA ILE A 326 3.31 -42.99 -7.47
C ILE A 326 2.58 -41.93 -8.28
N TYR A 327 2.93 -40.67 -8.05
CA TYR A 327 2.23 -39.57 -8.70
C TYR A 327 2.85 -39.28 -10.07
N ILE A 328 2.08 -39.54 -11.12
CA ILE A 328 2.61 -39.50 -12.47
C ILE A 328 1.61 -38.88 -13.45
N HIS A 329 2.13 -38.20 -14.48
CA HIS A 329 1.28 -37.60 -15.50
C HIS A 329 0.87 -38.62 -16.54
N SER A 330 -0.36 -38.52 -17.02
CA SER A 330 -0.86 -39.45 -18.03
C SER A 330 0.09 -39.56 -19.23
N TYR A 331 0.92 -38.55 -19.42
CA TYR A 331 1.82 -38.50 -20.56
C TYR A 331 3.24 -38.94 -20.21
N ASN A 332 3.48 -39.21 -18.94
CA ASN A 332 4.78 -39.70 -18.52
C ASN A 332 5.05 -41.13 -19.01
N THR A 333 6.32 -41.42 -19.28
CA THR A 333 6.72 -42.69 -19.86
C THR A 333 7.16 -43.70 -18.80
N ALA A 334 7.16 -44.96 -19.18
CA ALA A 334 7.68 -46.03 -18.35
C ALA A 334 9.02 -45.64 -17.75
N THR A 335 9.87 -45.02 -18.57
CA THR A 335 11.20 -44.59 -18.12
C THR A 335 11.10 -43.80 -16.81
N ILE A 336 10.18 -42.84 -16.78
CA ILE A 336 10.01 -41.97 -15.62
C ILE A 336 9.29 -42.70 -14.48
N PHE A 337 8.51 -43.72 -14.83
CA PHE A 337 7.81 -44.51 -13.81
C PHE A 337 8.79 -45.32 -12.95
N HIS A 338 9.75 -45.99 -13.57
CA HIS A 338 10.74 -46.73 -12.81
C HIS A 338 11.58 -45.78 -11.99
N GLU A 339 11.73 -44.57 -12.51
CA GLU A 339 12.46 -43.51 -11.85
C GLU A 339 11.81 -43.18 -10.52
N LEU A 340 10.52 -42.85 -10.57
CA LEU A 340 9.77 -42.54 -9.36
C LEU A 340 9.76 -43.73 -8.40
N VAL A 341 9.61 -44.92 -8.95
CA VAL A 341 9.63 -46.13 -8.14
C VAL A 341 10.94 -46.29 -7.38
N TYR A 342 12.07 -46.09 -8.06
CA TYR A 342 13.37 -46.20 -7.42
C TYR A 342 13.54 -45.14 -6.34
N LYS A 343 13.00 -43.95 -6.59
CA LYS A 343 13.12 -42.86 -5.64
C LYS A 343 12.44 -43.20 -4.32
N GLN A 344 11.44 -44.07 -4.39
CA GLN A 344 10.66 -44.43 -3.22
C GLN A 344 11.08 -45.82 -2.75
N THR A 345 11.59 -46.61 -3.68
CA THR A 345 11.96 -48.00 -3.42
C THR A 345 13.45 -48.27 -3.22
N LYS A 346 14.29 -47.55 -3.94
CA LYS A 346 15.73 -47.76 -3.83
C LYS A 346 16.12 -48.94 -4.69
N ILE A 347 15.12 -49.59 -5.26
CA ILE A 347 15.37 -50.67 -6.17
C ILE A 347 15.86 -50.02 -7.43
N ILE A 348 17.06 -50.39 -7.87
CA ILE A 348 17.58 -49.85 -9.12
C ILE A 348 16.57 -50.14 -10.20
N SER A 349 16.47 -49.24 -11.16
CA SER A 349 15.45 -49.39 -12.18
C SER A 349 15.54 -50.74 -12.86
N SER A 350 16.77 -51.18 -13.10
CA SER A 350 17.01 -52.42 -13.81
C SER A 350 16.56 -53.65 -13.04
N ASN A 351 16.80 -53.68 -11.74
CA ASN A 351 16.44 -54.82 -10.93
C ASN A 351 14.94 -54.91 -10.79
N GLN A 352 14.26 -53.93 -11.36
CA GLN A 352 12.83 -53.79 -11.16
C GLN A 352 12.00 -54.77 -11.97
N GLU A 353 11.54 -55.83 -11.32
CA GLU A 353 10.63 -56.80 -11.94
C GLU A 353 9.24 -56.55 -11.42
N LEU A 354 8.27 -56.44 -12.33
CA LEU A 354 6.92 -56.06 -11.98
C LEU A 354 5.94 -57.22 -12.09
N ILE A 355 4.96 -57.26 -11.20
CA ILE A 355 3.91 -58.27 -11.26
C ILE A 355 2.52 -57.66 -11.20
N TYR A 356 1.68 -58.00 -12.16
CA TYR A 356 0.31 -57.47 -12.18
C TYR A 356 -0.72 -58.53 -12.51
N GLU A 357 -1.57 -58.83 -11.51
CA GLU A 357 -2.64 -59.81 -11.65
C GLU A 357 -2.10 -61.21 -11.92
N GLY A 358 -0.91 -61.47 -11.39
CA GLY A 358 -0.32 -62.79 -11.47
C GLY A 358 0.52 -63.02 -12.71
N ARG A 359 1.03 -61.94 -13.30
CA ARG A 359 1.85 -62.04 -14.50
C ARG A 359 2.94 -60.96 -14.53
N ARG A 360 4.16 -61.35 -14.89
CA ARG A 360 5.24 -60.38 -15.02
C ARG A 360 4.85 -59.27 -16.01
N LEU A 361 4.90 -58.03 -15.56
CA LEU A 361 4.49 -56.90 -16.40
C LEU A 361 5.68 -56.32 -17.17
N VAL A 362 5.56 -56.30 -18.48
CA VAL A 362 6.63 -55.77 -19.34
C VAL A 362 6.24 -54.42 -19.94
N LEU A 363 6.66 -53.35 -19.28
CA LEU A 363 6.36 -52.01 -19.76
C LEU A 363 7.20 -51.66 -20.97
N GLU A 364 6.55 -51.29 -22.05
CA GLU A 364 7.29 -50.85 -23.22
C GLU A 364 8.12 -49.65 -22.83
N PRO A 365 9.22 -49.45 -23.54
CA PRO A 365 10.13 -48.37 -23.21
C PRO A 365 9.49 -46.98 -23.23
N GLY A 366 8.66 -46.73 -24.22
CA GLY A 366 8.09 -45.40 -24.36
C GLY A 366 6.60 -45.25 -24.19
N ARG A 367 5.90 -46.30 -23.79
CA ARG A 367 4.44 -46.21 -23.65
C ARG A 367 4.05 -45.22 -22.58
N LEU A 368 2.87 -44.64 -22.73
CA LEU A 368 2.42 -43.59 -21.82
C LEU A 368 1.75 -44.16 -20.58
N ALA A 369 1.94 -43.48 -19.45
CA ALA A 369 1.35 -43.89 -18.18
C ALA A 369 -0.18 -43.90 -18.21
N GLN A 370 -0.75 -43.41 -19.31
CA GLN A 370 -2.19 -43.45 -19.49
C GLN A 370 -2.61 -44.85 -19.95
N HIS A 371 -1.70 -45.57 -20.61
CA HIS A 371 -1.99 -46.92 -21.12
C HIS A 371 -1.43 -48.05 -20.26
N PHE A 372 -1.01 -47.70 -19.04
CA PHE A 372 -0.69 -48.69 -18.01
C PHE A 372 -1.98 -49.33 -17.51
N PRO A 373 -1.88 -50.46 -16.78
CA PRO A 373 -3.08 -51.00 -16.17
C PRO A 373 -3.62 -50.04 -15.12
N LYS A 374 -4.94 -49.95 -14.99
CA LYS A 374 -5.56 -49.19 -13.92
C LYS A 374 -5.33 -49.91 -12.60
N THR A 375 -4.78 -49.20 -11.62
CA THR A 375 -4.46 -49.82 -10.34
C THR A 375 -5.34 -49.28 -9.24
N THR A 376 -5.15 -49.84 -8.05
CA THR A 376 -5.92 -49.46 -6.89
C THR A 376 -5.08 -49.77 -5.68
N GLU A 377 -5.44 -49.23 -4.54
CA GLU A 377 -4.74 -49.62 -3.34
C GLU A 377 -4.92 -51.12 -3.20
N GLU A 378 -6.09 -51.60 -3.61
CA GLU A 378 -6.41 -53.03 -3.52
C GLU A 378 -5.80 -53.88 -4.64
N ASN A 379 -5.77 -53.33 -5.85
CA ASN A 379 -5.12 -54.03 -6.94
C ASN A 379 -3.98 -53.17 -7.41
N PRO A 380 -2.79 -53.42 -6.87
CA PRO A 380 -1.63 -52.62 -7.16
C PRO A 380 -0.60 -53.39 -7.91
N ILE A 381 0.26 -52.70 -8.66
CA ILE A 381 1.37 -53.35 -9.28
C ILE A 381 2.37 -53.72 -8.20
N PHE A 382 2.87 -54.94 -8.24
CA PHE A 382 3.83 -55.38 -7.26
C PHE A 382 5.20 -55.19 -7.84
N VAL A 383 6.18 -54.94 -6.99
CA VAL A 383 7.52 -54.76 -7.49
C VAL A 383 8.52 -55.44 -6.58
N VAL A 384 9.34 -56.29 -7.20
CA VAL A 384 10.35 -57.06 -6.50
C VAL A 384 11.66 -56.83 -7.22
N SER A 385 12.76 -56.99 -6.50
CA SER A 385 14.08 -56.86 -7.11
C SER A 385 14.54 -58.17 -7.77
N ARG A 386 15.08 -58.06 -8.98
CA ARG A 386 15.65 -59.21 -9.70
C ARG A 386 17.14 -59.32 -9.40
N GLU A 387 17.65 -58.34 -8.64
CA GLU A 387 19.04 -58.33 -8.21
C GLU A 387 20.01 -58.74 -9.32
N GLY B 2 -18.72 18.37 -27.79
CA GLY B 2 -20.07 18.51 -27.17
C GLY B 2 -20.11 19.23 -25.84
N SER B 3 -21.24 19.18 -25.15
CA SER B 3 -21.39 19.78 -23.82
C SER B 3 -22.09 18.83 -22.85
N GLN B 4 -21.95 19.11 -21.56
CA GLN B 4 -22.59 18.33 -20.50
C GLN B 4 -23.14 19.29 -19.49
N SER B 5 -23.90 18.80 -18.52
CA SER B 5 -24.49 19.69 -17.52
C SER B 5 -24.90 18.99 -16.23
N THR B 6 -25.38 19.79 -15.27
CA THR B 6 -26.11 19.29 -14.13
C THR B 6 -27.34 20.17 -14.02
N SER B 7 -28.21 19.92 -13.06
CA SER B 7 -29.39 20.78 -12.96
C SER B 7 -29.02 22.23 -12.63
N ASN B 8 -27.79 22.46 -12.15
CA ASN B 8 -27.36 23.81 -11.79
C ASN B 8 -26.26 24.39 -12.67
N HIS B 9 -25.46 23.53 -13.28
CA HIS B 9 -24.31 24.02 -14.04
C HIS B 9 -24.25 23.51 -15.46
N LEU B 10 -23.40 24.13 -16.25
CA LEU B 10 -23.32 23.82 -17.66
C LEU B 10 -21.90 24.04 -18.16
N TRP B 11 -21.39 23.13 -18.97
CA TRP B 11 -20.06 23.31 -19.52
C TRP B 11 -19.86 22.65 -20.86
N LEU B 12 -18.86 23.12 -21.59
CA LEU B 12 -18.48 22.60 -22.88
C LEU B 12 -17.20 21.82 -22.75
N LEU B 13 -17.13 20.64 -23.37
CA LEU B 13 -15.95 19.77 -23.28
C LEU B 13 -14.67 20.35 -23.89
N SER B 14 -14.82 21.37 -24.72
CA SER B 14 -13.67 22.04 -25.28
C SER B 14 -13.05 23.03 -24.32
N ASP B 15 -13.75 23.35 -23.24
CA ASP B 15 -13.23 24.27 -22.24
C ASP B 15 -12.42 23.55 -21.19
N ILE B 16 -11.42 22.81 -21.62
CA ILE B 16 -10.56 22.06 -20.72
C ILE B 16 -9.68 22.95 -19.86
N LEU B 17 -9.66 22.68 -18.56
CA LEU B 17 -8.74 23.33 -17.66
C LEU B 17 -7.64 22.36 -17.23
N GLY B 18 -7.95 21.07 -17.25
CA GLY B 18 -7.03 20.07 -16.78
C GLY B 18 -7.34 18.71 -17.36
N GLN B 19 -6.30 17.91 -17.53
CA GLN B 19 -6.44 16.56 -18.06
C GLN B 19 -5.59 15.61 -17.24
N GLY B 20 -6.14 14.46 -16.89
CA GLY B 20 -5.38 13.46 -16.16
C GLY B 20 -5.80 12.07 -16.62
N ALA B 21 -5.05 11.08 -16.17
CA ALA B 21 -5.36 9.69 -16.47
C ALA B 21 -6.84 9.39 -16.25
N THR B 22 -7.38 9.74 -15.08
CA THR B 22 -8.74 9.36 -14.68
C THR B 22 -9.82 10.42 -14.84
N ALA B 23 -9.46 11.67 -15.11
CA ALA B 23 -10.49 12.69 -15.19
C ALA B 23 -10.08 13.98 -15.89
N ASN B 24 -11.10 14.77 -16.23
CA ASN B 24 -10.88 16.09 -16.81
C ASN B 24 -11.56 17.13 -15.95
N VAL B 25 -11.00 18.34 -15.94
CA VAL B 25 -11.60 19.47 -15.25
C VAL B 25 -11.97 20.52 -16.29
N PHE B 26 -13.24 20.94 -16.31
CA PHE B 26 -13.71 21.93 -17.28
C PHE B 26 -14.16 23.21 -16.60
N ARG B 27 -14.08 24.33 -17.33
CA ARG B 27 -14.65 25.57 -16.83
C ARG B 27 -16.14 25.59 -17.15
N GLY B 28 -16.96 25.72 -16.11
CA GLY B 28 -18.40 25.76 -16.29
C GLY B 28 -19.01 27.00 -15.70
N ARG B 29 -20.33 27.13 -15.85
CA ARG B 29 -21.08 28.29 -15.38
C ARG B 29 -22.36 27.85 -14.69
N HIS B 30 -22.76 28.59 -13.66
CA HIS B 30 -24.03 28.35 -13.05
C HIS B 30 -25.09 28.83 -14.04
N LYS B 31 -26.19 28.09 -14.18
CA LYS B 31 -27.17 28.35 -15.23
C LYS B 31 -27.90 29.68 -15.05
N LYS B 32 -28.02 30.13 -13.81
CA LYS B 32 -28.83 31.31 -13.49
C LYS B 32 -28.01 32.57 -13.22
N THR B 33 -26.82 32.42 -12.63
CA THR B 33 -26.03 33.58 -12.27
C THR B 33 -24.91 33.88 -13.25
N GLY B 34 -24.38 32.83 -13.88
CA GLY B 34 -23.22 32.98 -14.77
C GLY B 34 -21.90 32.90 -14.02
N ASP B 35 -21.97 32.56 -12.73
CA ASP B 35 -20.79 32.37 -11.90
C ASP B 35 -19.97 31.20 -12.41
N LEU B 36 -18.64 31.39 -12.35
CA LEU B 36 -17.68 30.43 -12.89
C LEU B 36 -17.31 29.34 -11.89
N PHE B 37 -17.19 28.12 -12.39
CA PHE B 37 -16.75 27.01 -11.56
C PHE B 37 -15.91 26.03 -12.35
N ALA B 38 -15.12 25.24 -11.64
CA ALA B 38 -14.34 24.20 -12.28
C ALA B 38 -15.13 22.90 -12.12
N ILE B 39 -15.37 22.19 -13.21
CA ILE B 39 -16.10 20.93 -13.08
C ILE B 39 -15.19 19.73 -13.35
N LYS B 40 -15.06 18.86 -12.37
CA LYS B 40 -14.24 17.68 -12.51
C LYS B 40 -15.13 16.52 -12.85
N VAL B 41 -14.81 15.86 -13.97
CA VAL B 41 -15.66 14.82 -14.52
C VAL B 41 -14.79 13.62 -14.82
N PHE B 42 -15.18 12.47 -14.30
CA PHE B 42 -14.36 11.26 -14.39
C PHE B 42 -14.64 10.50 -15.66
N ASN B 43 -13.57 9.93 -16.23
CA ASN B 43 -13.64 9.33 -17.57
C ASN B 43 -13.89 7.82 -17.53
N ASN B 44 -14.16 7.22 -18.68
CA ASN B 44 -14.50 5.79 -18.69
C ASN B 44 -13.41 4.92 -18.14
N ILE B 45 -12.19 5.22 -18.49
CA ILE B 45 -11.06 4.50 -17.94
C ILE B 45 -11.25 4.42 -16.45
N SER B 46 -11.63 5.55 -15.87
CA SER B 46 -11.72 5.73 -14.43
C SER B 46 -12.64 4.71 -13.77
N PHE B 47 -13.69 4.33 -14.47
CA PHE B 47 -14.73 3.49 -13.90
C PHE B 47 -14.34 2.02 -13.89
N LEU B 48 -13.14 1.72 -14.37
CA LEU B 48 -12.63 0.35 -14.33
C LEU B 48 -11.81 0.08 -13.07
N ARG B 49 -11.34 1.16 -12.43
CA ARG B 49 -10.67 1.06 -11.14
C ARG B 49 -11.64 0.45 -10.14
N PRO B 50 -11.12 -0.06 -9.02
CA PRO B 50 -12.03 -0.61 -8.00
C PRO B 50 -12.95 0.48 -7.47
N VAL B 51 -14.22 0.13 -7.26
CA VAL B 51 -15.21 1.09 -6.82
C VAL B 51 -14.79 1.86 -5.58
N ASP B 52 -14.13 1.22 -4.64
CA ASP B 52 -13.75 1.89 -3.39
C ASP B 52 -12.66 2.92 -3.64
N VAL B 53 -11.74 2.61 -4.56
CA VAL B 53 -10.75 3.59 -4.96
C VAL B 53 -11.44 4.81 -5.57
N GLN B 54 -12.43 4.57 -6.42
CA GLN B 54 -13.16 5.67 -7.05
C GLN B 54 -13.79 6.56 -5.99
N MET B 55 -14.17 5.97 -4.87
CA MET B 55 -14.92 6.68 -3.86
C MET B 55 -14.01 7.57 -3.01
N ARG B 56 -12.71 7.33 -3.09
CA ARG B 56 -11.74 8.03 -2.26
C ARG B 56 -11.75 9.54 -2.38
N GLU B 57 -11.70 10.04 -3.60
CA GLU B 57 -11.60 11.49 -3.80
C GLU B 57 -12.82 12.22 -3.24
N PHE B 58 -14.00 11.66 -3.49
CA PHE B 58 -15.21 12.24 -2.98
C PHE B 58 -15.14 12.33 -1.48
N GLU B 59 -14.72 11.22 -0.87
CA GLU B 59 -14.62 11.18 0.58
C GLU B 59 -13.57 12.16 1.13
N VAL B 60 -12.47 12.34 0.41
CA VAL B 60 -11.44 13.28 0.87
C VAL B 60 -11.93 14.72 0.76
N LEU B 61 -12.48 15.09 -0.39
CA LEU B 61 -12.91 16.45 -0.57
C LEU B 61 -14.07 16.77 0.35
N LYS B 62 -14.87 15.77 0.68
CA LYS B 62 -15.96 16.00 1.61
C LYS B 62 -15.46 16.44 2.98
N LYS B 63 -14.22 16.10 3.32
CA LYS B 63 -13.69 16.39 4.64
C LYS B 63 -13.05 17.77 4.75
N LEU B 64 -12.71 18.38 3.63
CA LEU B 64 -11.90 19.60 3.64
C LEU B 64 -12.61 20.92 3.36
N ASN B 65 -12.28 21.93 4.15
CA ASN B 65 -12.76 23.27 3.96
C ASN B 65 -11.73 24.27 4.49
N HIS B 66 -10.89 24.82 3.61
CA HIS B 66 -9.79 25.69 4.06
C HIS B 66 -9.44 26.71 3.01
N LYS B 67 -8.82 27.81 3.44
CA LYS B 67 -8.46 28.88 2.50
C LYS B 67 -7.36 28.42 1.56
N ASN B 68 -6.63 27.38 1.93
CA ASN B 68 -5.55 26.88 1.10
C ASN B 68 -5.87 25.57 0.40
N ILE B 69 -7.14 25.20 0.39
CA ILE B 69 -7.60 24.06 -0.38
C ILE B 69 -8.65 24.56 -1.36
N VAL B 70 -8.45 24.32 -2.66
CA VAL B 70 -9.48 24.69 -3.64
C VAL B 70 -10.85 24.18 -3.16
N LYS B 71 -11.82 25.08 -3.04
CA LYS B 71 -13.11 24.80 -2.41
C LYS B 71 -14.02 23.87 -3.20
N LEU B 72 -14.56 22.84 -2.54
CA LEU B 72 -15.64 22.00 -3.11
C LEU B 72 -17.01 22.59 -2.82
N PHE B 73 -17.71 22.99 -3.87
CA PHE B 73 -19.03 23.61 -3.70
C PHE B 73 -20.12 22.58 -3.63
N ALA B 74 -19.99 21.50 -4.42
CA ALA B 74 -21.04 20.51 -4.44
C ALA B 74 -20.70 19.31 -5.31
N ILE B 75 -21.45 18.23 -5.07
CA ILE B 75 -21.38 17.03 -5.86
C ILE B 75 -22.74 16.87 -6.54
N GLU B 76 -22.75 16.90 -7.86
CA GLU B 76 -24.01 16.83 -8.58
C GLU B 76 -24.00 15.69 -9.60
N GLU B 77 -25.17 15.44 -10.19
CA GLU B 77 -25.33 14.38 -11.17
C GLU B 77 -25.41 14.95 -12.58
N GLU B 78 -24.55 14.45 -13.46
CA GLU B 78 -24.57 14.83 -14.85
C GLU B 78 -25.90 14.44 -15.47
N THR B 79 -26.53 15.37 -16.18
CA THR B 79 -27.87 15.14 -16.67
C THR B 79 -28.04 13.85 -17.47
N THR B 80 -27.19 13.59 -18.45
CA THR B 80 -27.35 12.36 -19.17
C THR B 80 -26.83 11.11 -18.44
N THR B 81 -25.57 11.11 -18.04
CA THR B 81 -24.99 9.92 -17.45
C THR B 81 -25.45 9.57 -16.06
N ARG B 82 -25.77 10.59 -15.27
CA ARG B 82 -26.11 10.38 -13.87
C ARG B 82 -24.87 10.19 -13.04
N HIS B 83 -23.72 10.29 -13.69
CA HIS B 83 -22.43 10.21 -13.00
C HIS B 83 -22.21 11.40 -12.11
N LYS B 84 -21.68 11.14 -10.92
CA LYS B 84 -21.35 12.19 -9.99
C LYS B 84 -20.16 13.00 -10.49
N VAL B 85 -20.30 14.32 -10.45
CA VAL B 85 -19.23 15.25 -10.84
C VAL B 85 -18.92 16.20 -9.69
N LEU B 86 -17.78 16.86 -9.77
CA LEU B 86 -17.38 17.76 -8.71
C LEU B 86 -17.45 19.17 -9.19
N ILE B 87 -18.14 20.00 -8.42
CA ILE B 87 -18.22 21.42 -8.69
C ILE B 87 -17.33 22.13 -7.72
N MET B 88 -16.35 22.84 -8.24
CA MET B 88 -15.34 23.45 -7.40
C MET B 88 -15.04 24.87 -7.77
N GLU B 89 -14.31 25.51 -6.88
CA GLU B 89 -13.89 26.88 -7.06
C GLU B 89 -13.00 27.00 -8.27
N PHE B 90 -13.29 28.00 -9.11
CA PHE B 90 -12.52 28.25 -10.32
C PHE B 90 -11.48 29.28 -9.98
N CYS B 91 -10.24 29.04 -10.36
CA CYS B 91 -9.14 29.94 -10.11
C CYS B 91 -8.62 30.44 -11.45
N PRO B 92 -9.17 31.55 -11.95
CA PRO B 92 -8.85 31.92 -13.32
C PRO B 92 -7.37 32.21 -13.56
N CYS B 93 -6.58 32.39 -12.50
CA CYS B 93 -5.17 32.74 -12.68
C CYS B 93 -4.27 31.55 -12.94
N GLY B 94 -4.79 30.36 -12.77
CA GLY B 94 -3.98 29.16 -12.95
C GLY B 94 -3.19 28.81 -11.71
N SER B 95 -2.04 28.17 -11.92
CA SER B 95 -1.33 27.50 -10.85
C SER B 95 0.07 28.03 -10.65
N LEU B 96 0.70 27.59 -9.56
CA LEU B 96 2.09 27.89 -9.32
C LEU B 96 2.97 27.42 -10.49
N TYR B 97 2.48 26.46 -11.26
CA TYR B 97 3.19 26.05 -12.47
C TYR B 97 3.36 27.23 -13.41
N THR B 98 2.26 27.83 -13.86
CA THR B 98 2.39 28.90 -14.83
C THR B 98 3.09 30.15 -14.27
N VAL B 99 2.88 30.48 -13.01
CA VAL B 99 3.67 31.53 -12.37
C VAL B 99 5.18 31.26 -12.58
N LEU B 100 5.62 30.05 -12.28
CA LEU B 100 7.02 29.69 -12.45
C LEU B 100 7.50 29.76 -13.89
N GLU B 101 6.56 29.74 -14.84
CA GLU B 101 6.87 29.87 -16.26
C GLU B 101 7.16 31.32 -16.64
N GLU B 102 6.73 32.26 -15.81
CA GLU B 102 7.01 33.66 -16.05
C GLU B 102 8.50 33.88 -16.04
N PRO B 103 9.02 34.63 -17.00
CA PRO B 103 10.44 34.90 -17.12
C PRO B 103 11.04 35.56 -15.90
N SER B 104 10.35 36.54 -15.36
CA SER B 104 10.89 37.26 -14.24
C SER B 104 11.19 36.27 -13.14
N ASN B 105 10.59 35.10 -13.22
CA ASN B 105 10.77 34.09 -12.18
C ASN B 105 11.70 32.94 -12.52
N ALA B 106 12.55 33.12 -13.51
CA ALA B 106 13.45 32.07 -13.97
C ALA B 106 14.46 31.62 -12.92
N TYR B 107 14.82 32.47 -11.99
CA TYR B 107 15.75 32.09 -10.93
C TYR B 107 15.07 32.09 -9.55
N GLY B 108 13.77 31.86 -9.55
CA GLY B 108 13.02 31.81 -8.30
C GLY B 108 12.04 32.94 -8.15
N LEU B 109 10.96 32.66 -7.43
CA LEU B 109 9.97 33.67 -7.07
C LEU B 109 10.56 34.87 -6.33
N PRO B 110 9.88 36.01 -6.37
CA PRO B 110 10.30 37.10 -5.50
C PRO B 110 10.17 36.67 -4.05
N GLU B 111 10.98 37.25 -3.16
CA GLU B 111 11.02 36.79 -1.77
C GLU B 111 9.64 36.82 -1.10
N SER B 112 8.89 37.90 -1.31
CA SER B 112 7.58 38.01 -0.68
C SER B 112 6.60 36.96 -1.19
N GLU B 113 6.64 36.67 -2.49
CA GLU B 113 5.71 35.69 -3.08
C GLU B 113 6.04 34.27 -2.61
N PHE B 114 7.33 33.99 -2.49
CA PHE B 114 7.79 32.71 -1.96
C PHE B 114 7.28 32.51 -0.54
N LEU B 115 7.38 33.56 0.27
CA LEU B 115 6.85 33.48 1.63
C LEU B 115 5.34 33.19 1.59
N ILE B 116 4.66 33.79 0.63
CA ILE B 116 3.25 33.45 0.47
C ILE B 116 3.11 31.93 0.20
N VAL B 117 3.83 31.43 -0.79
CA VAL B 117 3.79 30.01 -1.08
C VAL B 117 4.06 29.21 0.19
N LEU B 118 5.08 29.61 0.94
CA LEU B 118 5.43 28.90 2.16
C LEU B 118 4.24 28.85 3.10
N ARG B 119 3.59 30.00 3.31
CA ARG B 119 2.50 30.08 4.26
C ARG B 119 1.31 29.23 3.86
N ASP B 120 0.96 29.27 2.58
CA ASP B 120 -0.26 28.66 2.11
C ASP B 120 -0.10 27.14 1.94
N VAL B 121 0.96 26.71 1.27
CA VAL B 121 1.21 25.28 1.20
C VAL B 121 1.25 24.67 2.60
N VAL B 122 1.94 25.32 3.52
CA VAL B 122 1.98 24.82 4.89
C VAL B 122 0.58 24.75 5.51
N GLY B 123 -0.20 25.81 5.33
CA GLY B 123 -1.54 25.87 5.88
C GLY B 123 -2.43 24.79 5.30
N GLY B 124 -2.25 24.51 4.02
CA GLY B 124 -2.93 23.40 3.36
C GLY B 124 -2.52 22.04 3.92
N MET B 125 -1.20 21.80 3.99
CA MET B 125 -0.71 20.57 4.61
C MET B 125 -1.31 20.39 6.00
N ASN B 126 -1.27 21.45 6.81
CA ASN B 126 -1.74 21.32 8.17
C ASN B 126 -3.16 20.82 8.16
N HIS B 127 -3.96 21.38 7.26
CA HIS B 127 -5.34 21.02 7.16
C HIS B 127 -5.50 19.55 6.73
N LEU B 128 -4.64 19.08 5.82
CA LEU B 128 -4.73 17.70 5.38
C LEU B 128 -4.40 16.80 6.57
N ARG B 129 -3.40 17.23 7.34
CA ARG B 129 -2.91 16.51 8.50
C ARG B 129 -3.94 16.45 9.61
N GLU B 130 -4.64 17.56 9.86
CA GLU B 130 -5.73 17.58 10.84
C GLU B 130 -6.90 16.67 10.44
N ASN B 131 -6.99 16.33 9.15
CA ASN B 131 -8.06 15.49 8.66
C ASN B 131 -7.64 14.10 8.22
N GLY B 132 -6.42 13.72 8.52
CA GLY B 132 -5.97 12.36 8.22
C GLY B 132 -5.80 12.12 6.74
N ILE B 133 -5.68 13.19 5.96
CA ILE B 133 -5.52 13.06 4.52
C ILE B 133 -4.06 13.04 4.12
N VAL B 134 -3.76 12.29 3.06
CA VAL B 134 -2.47 12.32 2.42
C VAL B 134 -2.68 12.47 0.92
N HIS B 135 -2.08 13.51 0.33
CA HIS B 135 -2.29 13.85 -1.07
C HIS B 135 -1.55 12.98 -2.08
N ARG B 136 -0.25 12.89 -1.91
CA ARG B 136 0.60 12.00 -2.69
C ARG B 136 1.01 12.48 -4.06
N ASN B 137 0.44 13.56 -4.52
CA ASN B 137 0.86 14.07 -5.80
C ASN B 137 0.85 15.59 -5.84
N ILE B 138 1.56 16.21 -4.92
CA ILE B 138 1.63 17.65 -4.85
C ILE B 138 2.74 18.17 -5.74
N LYS B 139 2.38 19.12 -6.56
CA LYS B 139 3.29 19.69 -7.51
C LYS B 139 2.81 21.10 -7.81
N PRO B 140 3.69 21.96 -8.32
CA PRO B 140 3.25 23.30 -8.69
C PRO B 140 2.01 23.25 -9.57
N GLY B 141 1.89 22.20 -10.37
CA GLY B 141 0.78 22.11 -11.32
C GLY B 141 -0.60 22.09 -10.70
N ASN B 142 -0.71 21.70 -9.43
CA ASN B 142 -2.00 21.68 -8.74
C ASN B 142 -2.05 22.48 -7.46
N ILE B 143 -1.13 23.42 -7.33
CA ILE B 143 -1.21 24.42 -6.30
C ILE B 143 -1.75 25.69 -6.98
N MET B 144 -3.05 25.93 -6.84
CA MET B 144 -3.71 26.98 -7.62
C MET B 144 -3.52 28.37 -7.02
N ARG B 145 -3.44 29.38 -7.88
CA ARG B 145 -3.26 30.74 -7.43
C ARG B 145 -4.52 31.59 -7.57
N VAL B 146 -4.83 32.33 -6.51
CA VAL B 146 -6.00 33.22 -6.48
C VAL B 146 -5.52 34.58 -5.98
N ILE B 147 -5.88 35.63 -6.71
CA ILE B 147 -5.62 37.00 -6.27
C ILE B 147 -6.64 37.38 -5.21
N GLY B 148 -6.17 37.57 -3.99
CA GLY B 148 -7.03 37.76 -2.83
C GLY B 148 -7.74 39.10 -2.80
N GLU B 149 -8.48 39.32 -1.72
CA GLU B 149 -9.14 40.60 -1.48
C GLU B 149 -8.11 41.72 -1.52
N ASP B 150 -6.93 41.47 -0.93
CA ASP B 150 -5.93 42.53 -0.80
C ASP B 150 -4.95 42.62 -1.97
N GLY B 151 -5.31 42.10 -3.13
CA GLY B 151 -4.43 42.12 -4.29
C GLY B 151 -3.29 41.11 -4.19
N GLN B 152 -3.19 40.47 -3.02
CA GLN B 152 -2.15 39.46 -2.74
C GLN B 152 -2.60 38.04 -3.13
N SER B 153 -1.65 37.26 -3.62
CA SER B 153 -1.89 35.86 -3.96
C SER B 153 -2.34 35.03 -2.76
N VAL B 154 -3.30 34.14 -2.99
CA VAL B 154 -3.59 33.05 -2.06
C VAL B 154 -3.33 31.77 -2.82
N TYR B 155 -2.55 30.85 -2.25
CA TYR B 155 -2.38 29.55 -2.88
C TYR B 155 -3.26 28.47 -2.26
N LYS B 156 -3.67 27.52 -3.10
CA LYS B 156 -4.67 26.53 -2.75
C LYS B 156 -4.36 25.20 -3.45
N LEU B 157 -4.33 24.12 -2.68
CA LEU B 157 -4.07 22.80 -3.19
C LEU B 157 -5.26 22.17 -3.90
N THR B 158 -4.99 21.42 -4.95
CA THR B 158 -6.07 20.70 -5.59
C THR B 158 -5.60 19.38 -6.16
N ASP B 159 -6.44 18.76 -6.95
CA ASP B 159 -6.14 17.47 -7.58
C ASP B 159 -5.83 16.36 -6.60
N PHE B 160 -6.84 15.94 -5.86
CA PHE B 160 -6.70 14.96 -4.82
C PHE B 160 -7.00 13.57 -5.37
N GLY B 161 -6.72 13.36 -6.63
CA GLY B 161 -7.00 12.10 -7.30
C GLY B 161 -6.31 10.88 -6.74
N ALA B 162 -5.09 11.05 -6.24
CA ALA B 162 -4.32 9.94 -5.69
C ALA B 162 -4.34 9.98 -4.17
N ALA B 163 -5.15 10.87 -3.61
CA ALA B 163 -5.20 11.09 -2.17
C ALA B 163 -5.89 9.93 -1.47
N ARG B 164 -5.66 9.79 -0.17
CA ARG B 164 -6.49 8.90 0.63
C ARG B 164 -6.42 9.24 2.09
N GLU B 165 -7.39 8.73 2.84
CA GLU B 165 -7.39 8.90 4.28
C GLU B 165 -6.59 7.80 4.90
N LEU B 166 -5.69 8.17 5.80
CA LEU B 166 -5.03 7.20 6.62
C LEU B 166 -5.89 6.93 7.86
N GLU B 167 -5.71 5.77 8.45
CA GLU B 167 -6.34 5.47 9.72
C GLU B 167 -5.25 5.02 10.69
N ASP B 168 -5.49 5.16 11.98
CA ASP B 168 -4.58 4.55 12.94
C ASP B 168 -4.78 3.05 12.82
N ASP B 169 -3.73 2.30 13.10
CA ASP B 169 -3.74 0.86 12.86
C ASP B 169 -4.79 0.08 13.65
N GLU B 170 -5.28 0.67 14.72
CA GLU B 170 -6.08 -0.03 15.70
C GLU B 170 -7.27 -0.79 15.12
N GLN B 171 -7.89 -0.26 14.09
CA GLN B 171 -9.09 -0.88 13.54
C GLN B 171 -8.77 -2.13 12.74
N PHE B 172 -7.58 -2.13 12.15
CA PHE B 172 -7.08 -3.24 11.35
C PHE B 172 -6.63 -4.41 12.24
N VAL B 173 -5.83 -4.11 13.26
CA VAL B 173 -5.23 -5.13 14.12
C VAL B 173 -6.24 -6.08 14.74
N SER B 174 -7.24 -5.54 15.41
CA SER B 174 -8.27 -6.38 16.03
C SER B 174 -8.87 -7.25 14.93
N LEU B 175 -8.62 -6.83 13.70
CA LEU B 175 -9.18 -7.43 12.52
C LEU B 175 -8.73 -8.87 12.35
N TYR B 176 -7.47 -9.15 12.67
CA TYR B 176 -6.98 -10.51 12.56
C TYR B 176 -7.06 -11.15 13.93
N GLY B 177 -7.88 -12.17 14.05
CA GLY B 177 -7.98 -12.87 15.30
C GLY B 177 -6.74 -13.67 15.63
N THR B 178 -6.32 -14.53 14.72
CA THR B 178 -5.21 -15.42 14.99
C THR B 178 -4.06 -15.12 14.07
N GLU B 179 -2.88 -15.19 14.66
CA GLU B 179 -1.70 -14.74 13.99
C GLU B 179 -0.84 -15.84 13.38
N GLU B 180 -1.16 -17.10 13.68
CA GLU B 180 -0.36 -18.23 13.20
C GLU B 180 -0.19 -18.35 11.69
N TYR B 181 -1.08 -17.72 10.93
CA TYR B 181 -1.06 -17.90 9.47
C TYR B 181 -0.66 -16.64 8.72
N LEU B 182 -0.29 -15.61 9.47
CA LEU B 182 0.02 -14.33 8.85
C LEU B 182 1.39 -14.29 8.20
N HIS B 183 1.45 -13.65 7.04
CA HIS B 183 2.72 -13.32 6.42
C HIS B 183 3.53 -12.44 7.37
N PRO B 184 4.87 -12.56 7.36
CA PRO B 184 5.68 -11.70 8.20
C PRO B 184 5.22 -10.23 8.20
N ASP B 185 5.07 -9.63 7.02
CA ASP B 185 4.64 -8.24 6.92
C ASP B 185 3.28 -8.01 7.57
N MET B 186 2.33 -8.91 7.31
CA MET B 186 1.03 -8.85 7.95
C MET B 186 1.18 -8.92 9.47
N TYR B 187 2.08 -9.78 9.91
CA TYR B 187 2.33 -9.97 11.33
C TYR B 187 2.89 -8.69 11.93
N GLU B 188 3.93 -8.16 11.29
CA GLU B 188 4.57 -6.93 11.75
C GLU B 188 3.51 -5.83 11.92
N ARG B 189 2.56 -5.79 10.99
CA ARG B 189 1.58 -4.70 10.91
C ARG B 189 0.42 -4.90 11.88
N ALA B 190 0.07 -6.14 12.13
CA ALA B 190 -1.11 -6.40 12.93
C ALA B 190 -0.84 -6.85 14.34
N VAL B 191 0.42 -7.08 14.67
CA VAL B 191 0.68 -7.66 15.98
C VAL B 191 1.62 -6.84 16.84
N LEU B 192 2.79 -6.55 16.31
CA LEU B 192 3.77 -5.73 17.00
C LEU B 192 3.37 -4.27 17.05
N ARG B 193 2.93 -3.75 15.90
CA ARG B 193 2.42 -2.39 15.81
C ARG B 193 0.92 -2.41 15.57
N GLY B 201 4.35 6.67 4.73
CA GLY B 201 2.94 6.99 4.43
C GLY B 201 2.66 8.47 4.23
N ALA B 202 2.56 9.21 5.33
CA ALA B 202 2.20 10.63 5.25
C ALA B 202 3.38 11.50 4.76
N THR B 203 4.59 11.07 5.04
CA THR B 203 5.78 11.85 4.70
C THR B 203 6.01 11.98 3.20
N VAL B 204 5.18 11.34 2.38
CA VAL B 204 5.41 11.41 0.95
C VAL B 204 5.11 12.83 0.46
N ASP B 205 4.14 13.46 1.12
CA ASP B 205 3.75 14.81 0.77
C ASP B 205 4.87 15.78 1.05
N LEU B 206 5.51 15.58 2.20
CA LEU B 206 6.62 16.43 2.65
C LEU B 206 7.73 16.46 1.61
N TRP B 207 7.99 15.33 0.99
CA TRP B 207 8.99 15.29 -0.06
C TRP B 207 8.57 16.21 -1.22
N SER B 208 7.35 16.03 -1.70
CA SER B 208 6.86 16.80 -2.83
C SER B 208 6.95 18.29 -2.53
N ILE B 209 6.59 18.64 -1.30
CA ILE B 209 6.61 20.02 -0.86
C ILE B 209 8.06 20.54 -0.88
N GLY B 210 8.97 19.75 -0.31
CA GLY B 210 10.38 20.06 -0.36
C GLY B 210 10.81 20.38 -1.78
N VAL B 211 10.44 19.53 -2.74
CA VAL B 211 10.83 19.75 -4.14
C VAL B 211 10.14 21.00 -4.69
N THR B 212 8.86 21.14 -4.37
CA THR B 212 8.12 22.31 -4.77
C THR B 212 8.79 23.55 -4.20
N PHE B 213 9.20 23.50 -2.94
CA PHE B 213 9.79 24.70 -2.32
C PHE B 213 11.11 25.01 -2.98
N TYR B 214 11.82 23.97 -3.38
CA TYR B 214 13.10 24.16 -4.02
C TYR B 214 12.87 24.88 -5.33
N HIS B 215 11.89 24.40 -6.08
CA HIS B 215 11.64 24.94 -7.40
C HIS B 215 11.27 26.41 -7.26
N ALA B 216 10.42 26.73 -6.30
CA ALA B 216 9.94 28.08 -6.10
C ALA B 216 11.06 29.04 -5.72
N ALA B 217 12.02 28.53 -4.97
CA ALA B 217 13.17 29.31 -4.54
C ALA B 217 14.21 29.54 -5.62
N THR B 218 14.37 28.60 -6.54
CA THR B 218 15.49 28.68 -7.47
C THR B 218 15.10 28.74 -8.94
N GLY B 219 13.86 28.41 -9.25
CA GLY B 219 13.45 28.31 -10.63
C GLY B 219 13.90 27.00 -11.25
N SER B 220 14.52 26.14 -10.46
CA SER B 220 15.01 24.85 -10.91
C SER B 220 14.57 23.67 -10.06
N LEU B 221 14.67 22.48 -10.64
CA LEU B 221 14.38 21.26 -9.89
C LEU B 221 15.63 20.83 -9.16
N PRO B 222 15.48 20.30 -7.94
CA PRO B 222 16.64 19.88 -7.17
C PRO B 222 17.35 18.69 -7.82
N PHE B 223 16.60 17.71 -8.27
CA PHE B 223 17.23 16.52 -8.84
C PHE B 223 16.93 16.40 -10.31
N ARG B 224 17.97 16.37 -11.12
CA ARG B 224 17.76 16.32 -12.56
C ARG B 224 18.84 15.55 -13.30
N PRO B 225 18.42 14.78 -14.30
CA PRO B 225 19.32 14.07 -15.20
C PRO B 225 20.00 15.06 -16.13
N PHE B 226 21.17 14.69 -16.65
CA PHE B 226 21.87 15.56 -17.58
C PHE B 226 20.96 15.77 -18.79
N GLU B 227 20.30 14.70 -19.19
CA GLU B 227 19.40 14.72 -20.33
C GLU B 227 18.10 15.47 -20.05
N GLY B 228 17.83 15.71 -18.77
CA GLY B 228 16.56 16.27 -18.32
C GLY B 228 15.73 15.18 -17.63
N PRO B 229 14.86 15.59 -16.70
CA PRO B 229 14.09 14.67 -15.86
C PRO B 229 13.17 13.70 -16.61
N ARG B 230 12.47 14.19 -17.64
CA ARG B 230 11.52 13.38 -18.37
C ARG B 230 12.16 12.18 -19.11
N ARG B 231 13.34 12.40 -19.66
CA ARG B 231 14.01 11.40 -20.50
C ARG B 231 14.82 10.33 -19.76
N ASN B 232 15.65 10.75 -18.81
CA ASN B 232 16.42 9.81 -18.00
C ASN B 232 15.68 9.44 -16.72
N LYS B 233 14.96 8.33 -16.75
CA LYS B 233 14.19 7.92 -15.58
C LYS B 233 15.00 7.00 -14.67
N GLU B 234 15.84 6.16 -15.25
CA GLU B 234 16.74 5.32 -14.46
C GLU B 234 17.62 6.20 -13.58
N VAL B 235 18.32 7.12 -14.22
CA VAL B 235 19.22 8.03 -13.53
C VAL B 235 18.47 8.71 -12.40
N MET B 236 17.31 9.27 -12.71
CA MET B 236 16.51 9.99 -11.72
C MET B 236 16.30 9.14 -10.47
N TYR B 237 15.95 7.87 -10.64
CA TYR B 237 15.67 6.99 -9.52
C TYR B 237 16.89 6.77 -8.63
N LYS B 238 18.06 6.70 -9.26
CA LYS B 238 19.29 6.53 -8.50
C LYS B 238 19.60 7.79 -7.70
N ILE B 239 19.38 8.95 -8.33
CA ILE B 239 19.62 10.22 -7.64
C ILE B 239 18.80 10.37 -6.35
N ILE B 240 17.49 10.19 -6.43
CA ILE B 240 16.64 10.42 -5.26
C ILE B 240 16.77 9.31 -4.22
N THR B 241 17.13 8.12 -4.67
CA THR B 241 17.24 7.00 -3.75
C THR B 241 18.65 6.84 -3.20
N GLY B 242 19.63 7.40 -3.88
CA GLY B 242 21.01 7.30 -3.45
C GLY B 242 21.53 8.63 -2.92
N LYS B 243 20.63 9.45 -2.41
CA LYS B 243 20.97 10.80 -2.00
C LYS B 243 21.62 10.84 -0.61
N PRO B 244 22.87 11.33 -0.53
CA PRO B 244 23.53 11.58 0.74
C PRO B 244 22.69 12.45 1.67
N SER B 245 22.61 12.08 2.95
CA SER B 245 21.82 12.85 3.91
C SER B 245 22.37 14.24 4.07
N GLY B 246 21.48 15.21 4.19
CA GLY B 246 21.85 16.61 4.29
C GLY B 246 21.88 17.29 2.94
N ALA B 247 21.94 16.49 1.88
CA ALA B 247 21.93 17.03 0.53
C ALA B 247 20.54 17.49 0.12
N ILE B 248 20.48 18.48 -0.76
CA ILE B 248 19.28 19.21 -1.08
C ILE B 248 19.03 19.13 -2.58
N SER B 249 20.10 18.98 -3.34
CA SER B 249 20.00 18.81 -4.76
C SER B 249 21.17 17.99 -5.24
N GLY B 250 20.94 17.21 -6.28
CA GLY B 250 22.00 16.48 -6.94
C GLY B 250 21.77 16.64 -8.41
N VAL B 251 22.78 17.06 -9.15
CA VAL B 251 22.61 17.28 -10.56
C VAL B 251 23.63 16.53 -11.39
N GLN B 252 23.25 16.14 -12.59
CA GLN B 252 24.19 15.49 -13.50
C GLN B 252 24.52 16.44 -14.63
N LYS B 253 25.77 16.87 -14.70
CA LYS B 253 26.22 17.70 -15.79
C LYS B 253 26.77 16.84 -16.91
N ALA B 254 27.16 15.62 -16.55
CA ALA B 254 27.75 14.66 -17.49
C ALA B 254 26.72 13.78 -18.20
N GLU B 255 27.00 13.39 -19.43
CA GLU B 255 26.05 12.57 -20.15
C GLU B 255 25.70 11.38 -19.30
N ASN B 256 26.73 10.75 -18.75
CA ASN B 256 26.54 9.70 -17.77
C ASN B 256 27.51 9.98 -16.65
N GLY B 257 27.64 11.28 -16.39
CA GLY B 257 28.55 11.77 -15.39
C GLY B 257 28.03 11.54 -14.00
N PRO B 258 28.90 11.81 -13.02
CA PRO B 258 28.58 11.72 -11.61
C PRO B 258 27.64 12.83 -11.18
N ILE B 259 26.96 12.60 -10.06
CA ILE B 259 25.99 13.53 -9.55
C ILE B 259 26.64 14.56 -8.65
N ASP B 260 26.57 15.83 -9.04
CA ASP B 260 27.08 16.91 -8.20
C ASP B 260 26.03 17.26 -7.15
N TRP B 261 26.28 16.86 -5.91
CA TRP B 261 25.32 17.10 -4.83
C TRP B 261 25.60 18.38 -4.05
N SER B 262 24.55 19.05 -3.61
CA SER B 262 24.72 20.28 -2.82
C SER B 262 23.83 20.32 -1.58
N GLY B 263 24.32 20.96 -0.53
CA GLY B 263 23.57 21.06 0.72
C GLY B 263 22.99 22.44 0.94
N ASP B 264 23.27 23.35 0.01
CA ASP B 264 22.85 24.74 0.11
C ASP B 264 22.15 25.14 -1.18
N MET B 265 21.57 26.34 -1.17
CA MET B 265 20.82 26.86 -2.31
C MET B 265 21.81 27.28 -3.36
N PRO B 266 21.41 27.26 -4.64
CA PRO B 266 22.39 27.61 -5.64
C PRO B 266 22.70 29.10 -5.55
N VAL B 267 23.73 29.53 -6.27
CA VAL B 267 24.21 30.91 -6.15
C VAL B 267 23.23 31.97 -6.67
N SER B 268 22.36 31.58 -7.60
CA SER B 268 21.40 32.51 -8.19
C SER B 268 20.04 32.50 -7.50
N CYS B 269 19.99 31.93 -6.30
CA CYS B 269 18.76 31.88 -5.53
C CYS B 269 18.10 33.25 -5.39
N SER B 270 16.80 33.34 -5.68
CA SER B 270 16.13 34.63 -5.64
C SER B 270 15.85 35.10 -4.21
N LEU B 271 16.02 34.21 -3.23
CA LEU B 271 15.83 34.60 -1.85
C LEU B 271 17.10 35.15 -1.20
N SER B 272 16.89 36.07 -0.25
CA SER B 272 17.96 36.57 0.60
C SER B 272 18.67 35.46 1.37
N ARG B 273 19.94 35.65 1.66
CA ARG B 273 20.68 34.71 2.47
C ARG B 273 19.98 34.48 3.81
N GLY B 274 19.44 35.55 4.37
CA GLY B 274 18.70 35.46 5.62
C GLY B 274 17.71 34.32 5.60
N LEU B 275 16.95 34.22 4.51
CA LEU B 275 15.93 33.18 4.36
C LEU B 275 16.49 31.85 3.82
N GLN B 276 17.47 31.92 2.92
CA GLN B 276 18.14 30.74 2.39
C GLN B 276 18.58 29.82 3.51
N VAL B 277 19.18 30.44 4.50
CA VAL B 277 19.80 29.75 5.60
C VAL B 277 18.77 29.15 6.56
N LEU B 278 17.55 29.67 6.49
CA LEU B 278 16.43 29.14 7.26
C LEU B 278 15.78 28.01 6.50
N LEU B 279 15.70 28.18 5.18
CA LEU B 279 15.04 27.24 4.26
C LEU B 279 15.81 25.95 4.08
N THR B 280 17.13 26.04 4.15
CA THR B 280 17.97 24.90 3.84
C THR B 280 17.74 23.73 4.80
N PRO B 281 17.87 23.97 6.11
CA PRO B 281 17.63 22.87 7.04
C PRO B 281 16.26 22.25 6.78
N VAL B 282 15.25 23.07 6.55
CA VAL B 282 13.90 22.55 6.32
C VAL B 282 13.89 21.57 5.15
N LEU B 283 14.45 21.98 4.01
CA LEU B 283 14.56 21.09 2.87
C LEU B 283 15.31 19.81 3.24
N ALA B 284 16.48 19.96 3.82
CA ALA B 284 17.32 18.81 4.10
C ALA B 284 16.58 17.74 4.88
N ASN B 285 15.76 18.17 5.84
CA ASN B 285 15.02 17.21 6.62
C ASN B 285 13.80 16.62 5.97
N ILE B 286 13.12 17.38 5.14
CA ILE B 286 11.99 16.80 4.46
C ILE B 286 12.38 15.98 3.25
N LEU B 287 13.45 16.38 2.58
CA LEU B 287 13.92 15.63 1.44
C LEU B 287 14.80 14.49 1.92
N GLU B 288 14.21 13.62 2.73
CA GLU B 288 14.90 12.45 3.22
C GLU B 288 14.02 11.23 2.97
N ALA B 289 14.43 10.41 2.01
CA ALA B 289 13.64 9.25 1.65
C ALA B 289 13.55 8.27 2.79
N ASP B 290 14.61 8.13 3.56
CA ASP B 290 14.55 7.20 4.66
C ASP B 290 13.60 7.73 5.70
N GLN B 291 12.46 7.07 5.81
CA GLN B 291 11.37 7.52 6.67
C GLN B 291 11.81 7.61 8.12
N GLU B 292 12.76 6.78 8.51
CA GLU B 292 13.33 6.92 9.84
C GLU B 292 13.78 8.36 10.10
N LYS B 293 14.52 8.95 9.17
CA LYS B 293 15.22 10.22 9.45
C LYS B 293 14.50 11.50 9.01
N CYS B 294 13.51 11.38 8.12
CA CYS B 294 12.74 12.54 7.66
C CYS B 294 11.96 13.13 8.83
N TRP B 295 11.79 14.44 8.85
CA TRP B 295 11.00 15.06 9.91
C TRP B 295 9.61 14.47 9.94
N GLY B 296 9.04 14.39 11.14
CA GLY B 296 7.60 14.15 11.29
C GLY B 296 6.89 15.48 11.09
N PHE B 297 5.57 15.47 11.01
CA PHE B 297 4.85 16.70 10.71
C PHE B 297 4.97 17.77 11.79
N ASP B 298 4.81 17.37 13.05
CA ASP B 298 4.76 18.34 14.13
C ASP B 298 6.04 19.18 14.15
N GLN B 299 7.14 18.56 13.73
CA GLN B 299 8.41 19.26 13.66
C GLN B 299 8.49 20.14 12.42
N PHE B 300 7.95 19.65 11.31
CA PHE B 300 7.90 20.42 10.07
C PHE B 300 7.05 21.68 10.20
N PHE B 301 5.87 21.55 10.79
CA PHE B 301 5.02 22.71 11.00
C PHE B 301 5.69 23.71 11.95
N ALA B 302 6.42 23.19 12.93
CA ALA B 302 7.03 24.03 13.96
C ALA B 302 8.19 24.84 13.40
N GLU B 303 9.01 24.19 12.58
CA GLU B 303 10.14 24.87 11.97
C GLU B 303 9.72 25.90 10.93
N THR B 304 8.67 25.60 10.16
CA THR B 304 8.21 26.52 9.14
C THR B 304 7.46 27.70 9.78
N SER B 305 6.70 27.42 10.83
CA SER B 305 6.05 28.48 11.57
C SER B 305 7.08 29.42 12.17
N ASP B 306 8.21 28.85 12.61
CA ASP B 306 9.30 29.64 13.12
C ASP B 306 9.84 30.57 12.04
N ILE B 307 9.79 30.15 10.78
CA ILE B 307 10.21 31.04 9.69
C ILE B 307 9.17 32.13 9.44
N LEU B 308 7.91 31.75 9.47
CA LEU B 308 6.82 32.65 9.12
C LEU B 308 6.45 33.64 10.21
N HIS B 309 6.85 33.37 11.46
CA HIS B 309 6.50 34.27 12.56
C HIS B 309 7.52 35.37 12.77
N ARG B 310 8.60 35.32 12.00
CA ARG B 310 9.67 36.30 12.10
C ARG B 310 9.35 37.56 11.32
N MET B 311 9.87 38.69 11.81
CA MET B 311 9.80 39.95 11.08
C MET B 311 11.15 40.19 10.44
N VAL B 312 11.19 41.10 9.48
CA VAL B 312 12.42 41.37 8.77
C VAL B 312 12.94 42.76 9.08
N ILE B 313 14.20 42.82 9.44
CA ILE B 313 14.90 44.07 9.56
C ILE B 313 15.89 44.15 8.41
N HIS B 314 15.78 45.19 7.59
CA HIS B 314 16.66 45.31 6.42
C HIS B 314 17.98 45.97 6.77
N VAL B 315 19.07 45.28 6.47
CA VAL B 315 20.39 45.81 6.74
C VAL B 315 21.17 45.97 5.45
N PHE B 316 21.99 47.01 5.37
CA PHE B 316 22.90 47.17 4.24
C PHE B 316 24.32 47.34 4.71
N SER B 317 25.19 46.43 4.29
CA SER B 317 26.58 46.48 4.68
C SER B 317 27.36 47.38 3.72
N LEU B 318 27.71 48.56 4.20
CA LEU B 318 28.43 49.55 3.40
C LEU B 318 29.86 49.17 3.02
N GLN B 319 30.54 48.39 3.86
CA GLN B 319 31.91 48.00 3.56
C GLN B 319 31.91 46.93 2.47
N GLN B 320 30.90 46.07 2.49
CA GLN B 320 30.82 44.95 1.55
C GLN B 320 29.95 45.27 0.34
N MET B 321 29.19 46.37 0.42
CA MET B 321 28.20 46.74 -0.60
C MET B 321 27.15 45.64 -0.86
N THR B 322 26.62 45.05 0.20
CA THR B 322 25.60 44.01 0.06
C THR B 322 24.38 44.25 0.94
N ALA B 323 23.22 43.83 0.44
CA ALA B 323 21.97 44.01 1.17
C ALA B 323 21.65 42.73 1.94
N HIS B 324 20.88 42.86 3.02
CA HIS B 324 20.63 41.75 3.91
C HIS B 324 19.27 41.85 4.56
N LYS B 325 18.62 40.70 4.72
CA LYS B 325 17.39 40.62 5.46
C LYS B 325 17.68 39.84 6.74
N ILE B 326 17.41 40.44 7.89
CA ILE B 326 17.63 39.74 9.15
C ILE B 326 16.30 39.19 9.62
N TYR B 327 16.18 37.87 9.69
CA TYR B 327 14.94 37.25 10.14
C TYR B 327 14.99 37.01 11.63
N ILE B 328 14.23 37.83 12.35
CA ILE B 328 14.27 37.86 13.80
C ILE B 328 12.85 37.84 14.37
N HIS B 329 12.71 37.40 15.62
CA HIS B 329 11.41 37.44 16.30
C HIS B 329 11.21 38.77 17.03
N SER B 330 9.98 39.28 16.98
CA SER B 330 9.65 40.53 17.66
C SER B 330 10.16 40.62 19.10
N TYR B 331 10.25 39.48 19.78
CA TYR B 331 10.69 39.48 21.18
C TYR B 331 12.20 39.29 21.35
N ASN B 332 12.93 39.07 20.26
CA ASN B 332 14.38 38.87 20.34
C ASN B 332 15.10 40.15 20.73
N THR B 333 16.19 40.02 21.49
CA THR B 333 16.96 41.19 21.94
C THR B 333 17.78 41.81 20.81
N ALA B 334 18.41 42.94 21.10
CA ALA B 334 19.33 43.55 20.14
C ALA B 334 20.57 42.67 20.05
N THR B 335 21.01 42.15 21.20
CA THR B 335 22.13 41.24 21.24
C THR B 335 22.01 40.22 20.11
N ILE B 336 20.83 39.61 20.02
CA ILE B 336 20.55 38.62 19.01
C ILE B 336 20.65 39.24 17.61
N PHE B 337 20.05 40.41 17.42
CA PHE B 337 20.13 41.11 16.13
C PHE B 337 21.57 41.17 15.63
N HIS B 338 22.46 41.69 16.47
CA HIS B 338 23.88 41.80 16.11
C HIS B 338 24.49 40.44 15.74
N GLU B 339 24.06 39.39 16.42
CA GLU B 339 24.55 38.04 16.16
C GLU B 339 24.07 37.55 14.80
N LEU B 340 22.84 37.89 14.47
CA LEU B 340 22.31 37.53 13.16
C LEU B 340 22.99 38.35 12.07
N VAL B 341 23.42 39.56 12.42
CA VAL B 341 24.18 40.40 11.50
C VAL B 341 25.58 39.83 11.24
N TYR B 342 26.21 39.31 12.29
CA TYR B 342 27.52 38.73 12.15
C TYR B 342 27.46 37.49 11.29
N LYS B 343 26.41 36.69 11.48
CA LYS B 343 26.22 35.44 10.75
C LYS B 343 26.22 35.60 9.23
N GLN B 344 25.81 36.77 8.75
CA GLN B 344 25.82 37.07 7.32
C GLN B 344 26.99 38.00 6.93
N THR B 345 27.24 39.01 7.76
CA THR B 345 28.28 40.00 7.50
C THR B 345 29.68 39.48 7.77
N LYS B 346 29.82 38.73 8.86
CA LYS B 346 31.13 38.33 9.38
C LYS B 346 31.82 39.53 10.01
N ILE B 347 31.02 40.44 10.54
CA ILE B 347 31.53 41.51 11.35
C ILE B 347 31.13 41.16 12.75
N ILE B 348 32.10 41.01 13.62
CA ILE B 348 31.83 40.64 14.99
C ILE B 348 30.88 41.66 15.56
N SER B 349 30.07 41.25 16.51
CA SER B 349 29.14 42.19 17.11
C SER B 349 29.88 43.38 17.69
N SER B 350 31.02 43.14 18.32
CA SER B 350 31.85 44.20 18.94
C SER B 350 32.25 45.30 17.97
N ASN B 351 32.34 44.96 16.69
CA ASN B 351 32.80 45.89 15.66
C ASN B 351 31.68 46.46 14.81
N GLN B 352 30.45 46.09 15.11
CA GLN B 352 29.31 46.59 14.33
C GLN B 352 28.89 47.98 14.73
N GLU B 353 28.93 48.90 13.77
CA GLU B 353 28.55 50.29 13.99
C GLU B 353 27.40 50.62 13.05
N LEU B 354 26.27 51.05 13.61
CA LEU B 354 25.05 51.23 12.83
C LEU B 354 24.75 52.68 12.46
N ILE B 355 23.98 52.85 11.39
CA ILE B 355 23.58 54.17 10.92
C ILE B 355 22.16 54.12 10.37
N TYR B 356 21.26 54.92 10.95
CA TYR B 356 19.88 54.96 10.49
C TYR B 356 19.46 56.37 10.15
N GLU B 357 18.82 56.53 9.00
CA GLU B 357 18.34 57.83 8.56
C GLU B 357 19.36 58.93 8.82
N GLY B 358 20.56 58.73 8.29
CA GLY B 358 21.60 59.75 8.30
C GLY B 358 22.27 60.02 9.63
N ARG B 359 21.84 59.32 10.68
CA ARG B 359 22.41 59.52 12.01
C ARG B 359 22.82 58.19 12.61
N ARG B 360 23.85 58.22 13.46
CA ARG B 360 24.34 57.00 14.09
C ARG B 360 23.28 56.36 14.95
N LEU B 361 23.23 55.03 14.93
CA LEU B 361 22.22 54.29 15.67
C LEU B 361 22.87 53.49 16.79
N VAL B 362 22.31 53.58 17.98
CA VAL B 362 22.80 52.81 19.11
C VAL B 362 21.64 52.06 19.75
N LEU B 363 21.84 50.76 19.98
CA LEU B 363 20.78 49.92 20.50
C LEU B 363 21.12 49.34 21.87
N GLU B 364 20.31 49.68 22.87
CA GLU B 364 20.42 49.02 24.16
C GLU B 364 20.51 47.52 23.91
N PRO B 365 21.40 46.84 24.63
CA PRO B 365 21.59 45.39 24.42
C PRO B 365 20.30 44.60 24.65
N GLY B 366 19.35 45.20 25.36
CA GLY B 366 18.12 44.51 25.75
C GLY B 366 16.86 45.11 25.16
N ARG B 367 17.00 45.92 24.11
CA ARG B 367 15.86 46.45 23.40
C ARG B 367 15.20 45.33 22.62
N LEU B 368 13.91 45.48 22.33
CA LEU B 368 13.20 44.45 21.59
C LEU B 368 13.02 44.81 20.13
N ALA B 369 13.04 43.78 19.29
CA ALA B 369 13.02 43.94 17.83
C ALA B 369 11.83 44.74 17.31
N GLN B 370 10.67 44.58 17.95
CA GLN B 370 9.48 45.29 17.50
C GLN B 370 9.51 46.76 17.88
N HIS B 371 10.59 47.18 18.55
CA HIS B 371 10.77 48.58 18.90
C HIS B 371 11.97 49.18 18.19
N PHE B 372 12.61 48.39 17.33
CA PHE B 372 13.57 48.92 16.37
C PHE B 372 12.81 49.85 15.43
N PRO B 373 13.50 50.85 14.86
CA PRO B 373 12.84 51.70 13.88
C PRO B 373 12.47 50.92 12.62
N LYS B 374 11.43 51.36 11.90
CA LYS B 374 10.96 50.64 10.72
C LYS B 374 11.99 50.70 9.59
N THR B 375 12.26 49.56 8.97
CA THR B 375 13.26 49.51 7.91
C THR B 375 12.67 49.08 6.57
N THR B 376 13.36 49.46 5.50
CA THR B 376 12.99 49.06 4.15
C THR B 376 14.26 48.86 3.34
N GLU B 377 14.16 48.06 2.28
CA GLU B 377 15.27 47.94 1.35
C GLU B 377 15.75 49.35 0.96
N GLU B 378 14.82 50.27 0.77
CA GLU B 378 15.17 51.62 0.36
C GLU B 378 15.68 52.42 1.55
N ASN B 379 15.27 52.02 2.76
CA ASN B 379 15.63 52.73 3.98
C ASN B 379 16.02 51.78 5.10
N PRO B 380 17.22 51.14 4.99
CA PRO B 380 17.65 50.07 5.87
C PRO B 380 18.51 50.58 7.03
N ILE B 381 18.83 49.68 7.97
CA ILE B 381 19.85 49.99 8.96
C ILE B 381 21.19 49.63 8.37
N PHE B 382 22.04 50.64 8.18
CA PHE B 382 23.35 50.41 7.62
C PHE B 382 24.31 49.87 8.68
N VAL B 383 25.21 48.99 8.26
CA VAL B 383 26.26 48.55 9.15
C VAL B 383 27.62 48.76 8.51
N VAL B 384 28.59 49.08 9.36
CA VAL B 384 29.95 49.21 8.91
C VAL B 384 30.81 48.61 10.01
N SER B 385 32.01 48.19 9.65
CA SER B 385 32.94 47.65 10.63
C SER B 385 33.90 48.73 11.05
N ARG B 386 33.96 48.99 12.36
CA ARG B 386 34.93 49.96 12.87
C ARG B 386 36.00 49.28 13.72
N GLU B 387 37.20 49.22 13.16
CA GLU B 387 38.34 48.53 13.77
C GLU B 387 38.96 49.34 14.89
#